data_1T2V
#
_entry.id   1T2V
#
_cell.length_a   97.117
_cell.length_b   138.357
_cell.length_c   198.266
_cell.angle_alpha   90.00
_cell.angle_beta   90.00
_cell.angle_gamma   90.00
#
_symmetry.space_group_name_H-M   'C 2 2 21'
#
loop_
_entity.id
_entity.type
_entity.pdbx_description
1 polymer 'Breast cancer type 1 susceptibility protein'
2 polymer BRCTide-7PS
#
loop_
_entity_poly.entity_id
_entity_poly.type
_entity_poly.pdbx_seq_one_letter_code
_entity_poly.pdbx_strand_id
1 'polypeptide(L)'
;VNKRMSMVVSGLTPEEFMLVYKFARKHHITLTNLITEETTHVVMKTDAEFVCERTLKYFLGIAGGKWVVSYFWVTQSIKE
RKMLNEHDFEVRGDVVNGRNHQGPKRARESQDRKIFRGLEICCYGPFTNMPTDQLEWMVQLCGASVVKELSSFTLGTGVH
PIVVVQPDAWTEDNGFHAIGQMCEAPVVTREWVLDSVALYQCQELDTYLIPQIP
;
A,B,C,D,E
2 'polypeptide(L)' GAAYDI(SEP)QVFPFAKKK F,G,H,I,J
#
# COMPACT_ATOMS: atom_id res chain seq x y z
N ARG A 4 49.07 25.58 -20.19
CA ARG A 4 48.49 24.35 -20.72
C ARG A 4 47.01 24.27 -20.40
N MET A 5 46.19 24.09 -21.42
CA MET A 5 44.73 24.14 -21.30
C MET A 5 44.15 22.88 -20.69
N SER A 6 43.49 23.05 -19.54
CA SER A 6 42.74 21.97 -18.88
C SER A 6 41.31 22.43 -18.64
N MET A 7 40.35 21.59 -19.04
CA MET A 7 38.96 21.97 -19.20
C MET A 7 37.98 21.10 -18.40
N VAL A 8 36.87 21.70 -18.00
CA VAL A 8 35.81 21.02 -17.26
C VAL A 8 34.45 21.53 -17.74
N VAL A 9 33.46 20.66 -17.78
CA VAL A 9 32.17 21.01 -18.36
C VAL A 9 31.06 21.09 -17.30
N SER A 10 30.10 21.99 -17.46
CA SER A 10 29.00 22.09 -16.50
C SER A 10 27.66 22.50 -17.09
N GLY A 11 26.63 21.72 -16.79
CA GLY A 11 25.28 22.02 -17.22
C GLY A 11 24.89 21.35 -18.52
N LEU A 12 25.67 20.38 -18.97
CA LEU A 12 25.53 19.85 -20.32
C LEU A 12 24.75 18.55 -20.39
N THR A 13 24.00 18.37 -21.48
CA THR A 13 23.39 17.09 -21.79
C THR A 13 24.50 16.14 -22.25
N PRO A 14 24.29 14.83 -22.20
CA PRO A 14 25.29 13.86 -22.66
C PRO A 14 25.74 14.08 -24.10
N GLU A 15 24.80 14.33 -25.01
CA GLU A 15 25.16 14.63 -26.40
C GLU A 15 25.97 15.94 -26.52
N GLU A 16 25.68 16.89 -25.64
CA GLU A 16 26.47 18.11 -25.60
C GLU A 16 27.87 17.88 -25.07
N PHE A 17 28.01 16.97 -24.10
CA PHE A 17 29.32 16.60 -23.56
C PHE A 17 30.15 15.96 -24.66
N MET A 18 29.50 15.11 -25.47
CA MET A 18 30.15 14.38 -26.57
C MET A 18 30.73 15.30 -27.64
N LEU A 19 30.08 16.44 -27.84
CA LEU A 19 30.59 17.49 -28.71
C LEU A 19 31.92 17.99 -28.17
N VAL A 20 31.94 18.33 -26.89
CA VAL A 20 33.12 18.88 -26.23
C VAL A 20 34.28 17.88 -26.22
N TYR A 21 33.97 16.61 -25.98
CA TYR A 21 34.96 15.53 -25.98
C TYR A 21 35.63 15.43 -27.34
N LYS A 22 34.83 15.57 -28.40
CA LYS A 22 35.34 15.55 -29.75
C LYS A 22 36.18 16.78 -30.06
N PHE A 23 35.71 17.94 -29.60
CA PHE A 23 36.37 19.22 -29.79
C PHE A 23 37.71 19.25 -29.08
N ALA A 24 37.75 18.75 -27.85
CA ALA A 24 38.98 18.65 -27.06
C ALA A 24 39.97 17.66 -27.66
N ARG A 25 39.46 16.62 -28.30
CA ARG A 25 40.31 15.63 -28.96
C ARG A 25 40.98 16.22 -30.21
N LYS A 26 40.26 17.09 -30.91
CA LYS A 26 40.79 17.70 -32.14
C LYS A 26 41.91 18.69 -31.83
N HIS A 27 41.72 19.47 -30.78
CA HIS A 27 42.64 20.55 -30.45
C HIS A 27 43.71 20.14 -29.41
N HIS A 28 43.68 18.87 -29.01
CA HIS A 28 44.57 18.28 -27.99
C HIS A 28 44.53 18.99 -26.63
N ILE A 29 43.32 19.38 -26.22
CA ILE A 29 43.05 20.01 -24.93
C ILE A 29 42.59 18.95 -23.92
N THR A 30 43.18 18.97 -22.72
CA THR A 30 42.78 18.07 -21.64
C THR A 30 41.38 18.41 -21.17
N LEU A 31 40.47 17.44 -21.23
CA LEU A 31 39.14 17.58 -20.63
C LEU A 31 38.99 16.56 -19.50
N THR A 32 38.52 17.02 -18.34
CA THR A 32 38.39 16.11 -17.20
C THR A 32 36.98 16.13 -16.61
N ASN A 33 36.67 15.12 -15.79
CA ASN A 33 35.38 15.04 -15.14
C ASN A 33 35.29 15.82 -13.85
N LEU A 34 36.42 15.91 -13.15
CA LEU A 34 36.49 16.60 -11.88
C LEU A 34 37.35 17.84 -11.99
N ILE A 35 36.94 18.89 -11.29
CA ILE A 35 37.63 20.17 -11.29
C ILE A 35 38.84 20.12 -10.36
N THR A 36 40.00 20.51 -10.89
CA THR A 36 41.22 20.53 -10.08
C THR A 36 41.77 21.96 -10.03
N GLU A 37 42.90 22.13 -9.36
CA GLU A 37 43.63 23.40 -9.37
C GLU A 37 44.30 23.60 -10.73
N GLU A 38 44.66 22.49 -11.38
CA GLU A 38 45.31 22.49 -12.68
C GLU A 38 44.37 22.93 -13.80
N THR A 39 43.06 22.83 -13.54
CA THR A 39 42.02 23.21 -14.49
C THR A 39 42.04 24.71 -14.80
N THR A 40 41.96 25.05 -16.10
CA THR A 40 41.98 26.44 -16.55
C THR A 40 40.63 26.94 -17.05
N HIS A 41 39.81 26.04 -17.56
CA HIS A 41 38.58 26.43 -18.23
C HIS A 41 37.41 25.64 -17.68
N VAL A 42 36.37 26.35 -17.26
CA VAL A 42 35.11 25.71 -16.90
C VAL A 42 34.09 26.14 -17.94
N VAL A 43 33.57 25.15 -18.66
CA VAL A 43 32.68 25.38 -19.78
C VAL A 43 31.24 25.21 -19.33
N MET A 44 30.52 26.33 -19.23
CA MET A 44 29.15 26.37 -18.71
C MET A 44 28.10 26.42 -19.80
N LYS A 45 26.99 25.73 -19.59
CA LYS A 45 25.84 25.89 -20.45
C LYS A 45 25.17 27.19 -20.07
N THR A 46 25.04 28.09 -21.04
CA THR A 46 24.33 29.34 -20.85
C THR A 46 23.29 29.52 -21.95
N ASP A 47 22.46 30.55 -21.79
CA ASP A 47 21.55 30.97 -22.85
C ASP A 47 22.29 31.90 -23.81
N ALA A 48 21.54 32.61 -24.64
CA ALA A 48 22.11 33.52 -25.64
C ALA A 48 22.76 34.73 -24.99
N GLU A 49 22.26 35.09 -23.82
CA GLU A 49 22.75 36.23 -23.07
C GLU A 49 24.02 35.91 -22.27
N PHE A 50 24.55 34.71 -22.45
CA PHE A 50 25.69 34.17 -21.68
C PHE A 50 25.43 34.16 -20.18
N VAL A 51 24.24 33.72 -19.79
CA VAL A 51 23.84 33.64 -18.39
C VAL A 51 23.62 32.18 -18.02
N CYS A 52 24.31 31.69 -16.98
CA CYS A 52 24.20 30.28 -16.60
C CYS A 52 23.48 30.08 -15.26
N GLU A 53 23.42 28.82 -14.82
CA GLU A 53 22.92 28.50 -13.48
C GLU A 53 24.07 28.31 -12.52
N ARG A 54 23.80 28.42 -11.23
CA ARG A 54 24.84 28.26 -10.23
C ARG A 54 25.06 26.79 -9.94
N THR A 55 26.20 26.27 -10.36
CA THR A 55 26.62 24.93 -9.99
C THR A 55 27.86 25.04 -9.11
N LEU A 56 28.35 23.91 -8.59
CA LEU A 56 29.58 23.90 -7.82
C LEU A 56 30.76 24.26 -8.70
N LYS A 57 30.76 23.71 -9.92
CA LYS A 57 31.81 23.98 -10.88
C LYS A 57 31.85 25.46 -11.25
N TYR A 58 30.67 26.07 -11.32
CA TYR A 58 30.57 27.49 -11.58
C TYR A 58 31.19 28.31 -10.45
N PHE A 59 30.88 27.96 -9.21
CA PHE A 59 31.40 28.70 -8.06
C PHE A 59 32.90 28.59 -8.04
N LEU A 60 33.39 27.36 -8.17
CA LEU A 60 34.81 27.08 -8.09
C LEU A 60 35.59 27.71 -9.24
N GLY A 61 34.94 27.87 -10.38
CA GLY A 61 35.54 28.48 -11.55
C GLY A 61 35.85 29.94 -11.32
N ILE A 62 34.93 30.61 -10.63
CA ILE A 62 35.13 32.00 -10.22
C ILE A 62 36.20 32.11 -9.11
N ALA A 63 36.00 31.30 -8.05
CA ALA A 63 36.88 31.30 -6.87
C ALA A 63 38.30 30.92 -7.23
N GLY A 64 38.45 30.09 -8.25
CA GLY A 64 39.75 29.70 -8.74
C GLY A 64 40.34 30.75 -9.64
N GLY A 65 39.52 31.68 -10.11
CA GLY A 65 39.95 32.71 -11.05
C GLY A 65 40.12 32.16 -12.45
N LYS A 66 39.37 31.09 -12.75
CA LYS A 66 39.49 30.35 -14.00
C LYS A 66 38.71 30.99 -15.14
N TRP A 67 38.96 30.55 -16.37
CA TRP A 67 38.16 30.98 -17.51
C TRP A 67 36.80 30.31 -17.39
N VAL A 68 35.83 31.02 -16.82
CA VAL A 68 34.45 30.55 -16.83
C VAL A 68 33.86 30.99 -18.16
N VAL A 69 33.53 30.02 -18.98
CA VAL A 69 33.27 30.26 -20.38
C VAL A 69 31.96 29.56 -20.79
N SER A 70 31.18 30.22 -21.64
CA SER A 70 29.95 29.63 -22.17
C SER A 70 30.25 28.49 -23.15
N TYR A 71 29.38 27.48 -23.18
CA TYR A 71 29.52 26.34 -24.09
C TYR A 71 29.42 26.74 -25.57
N PHE A 72 28.80 27.88 -25.86
CA PHE A 72 28.77 28.45 -27.21
C PHE A 72 30.16 28.68 -27.83
N TRP A 73 31.17 28.86 -26.97
CA TRP A 73 32.58 28.98 -27.35
C TRP A 73 33.10 27.71 -28.00
N VAL A 74 32.47 26.59 -27.67
CA VAL A 74 32.80 25.33 -28.30
C VAL A 74 32.07 25.26 -29.64
N THR A 75 30.76 25.50 -29.61
CA THR A 75 29.90 25.30 -30.77
C THR A 75 30.20 26.26 -31.90
N GLN A 76 30.48 27.52 -31.56
CA GLN A 76 30.82 28.53 -32.56
C GLN A 76 32.24 28.37 -33.08
N SER A 77 33.12 27.75 -32.29
CA SER A 77 34.46 27.41 -32.75
C SER A 77 34.44 26.17 -33.65
N ILE A 78 33.43 25.33 -33.48
CA ILE A 78 33.19 24.20 -34.36
C ILE A 78 32.72 24.73 -35.72
N LYS A 79 31.85 25.74 -35.69
CA LYS A 79 31.29 26.34 -36.89
C LYS A 79 32.32 27.20 -37.63
N GLU A 80 33.17 27.91 -36.87
CA GLU A 80 34.18 28.80 -37.44
C GLU A 80 35.48 28.05 -37.76
N ARG A 81 35.52 26.77 -37.38
CA ARG A 81 36.65 25.85 -37.65
C ARG A 81 37.96 26.14 -36.91
N LYS A 82 38.15 27.39 -36.48
CA LYS A 82 39.29 27.80 -35.68
C LYS A 82 38.88 27.88 -34.20
N MET A 83 39.86 27.80 -33.30
CA MET A 83 39.58 27.92 -31.87
C MET A 83 39.57 29.37 -31.43
N LEU A 84 38.40 29.88 -31.09
CA LEU A 84 38.19 31.32 -30.91
C LEU A 84 38.65 31.84 -29.54
N ASN A 85 38.62 33.17 -29.39
CA ASN A 85 39.07 33.87 -28.19
C ASN A 85 38.08 33.77 -27.04
N GLU A 86 38.61 33.46 -25.86
CA GLU A 86 37.81 33.25 -24.65
C GLU A 86 37.13 34.52 -24.15
N HIS A 87 37.81 35.66 -24.35
CA HIS A 87 37.35 36.97 -23.92
C HIS A 87 35.91 37.25 -24.30
N ASP A 88 35.58 37.00 -25.58
CA ASP A 88 34.26 37.30 -26.13
C ASP A 88 33.24 36.18 -25.92
N PHE A 89 33.58 35.20 -25.07
CA PHE A 89 32.69 34.09 -24.75
C PHE A 89 32.59 33.81 -23.25
N GLU A 90 33.24 34.67 -22.46
CA GLU A 90 33.19 34.60 -21.00
C GLU A 90 31.77 34.85 -20.51
N VAL A 91 31.31 34.09 -19.50
CA VAL A 91 29.93 34.20 -19.02
C VAL A 91 29.63 35.51 -18.30
N ARG A 92 28.46 36.05 -18.59
CA ARG A 92 28.12 37.40 -18.21
C ARG A 92 27.47 37.45 -16.83
N GLY A 93 27.14 36.29 -16.27
CA GLY A 93 26.45 36.25 -14.99
C GLY A 93 25.55 35.05 -14.83
N ASP A 94 24.83 34.99 -13.71
CA ASP A 94 24.02 33.83 -13.37
C ASP A 94 22.56 34.15 -13.09
N VAL A 95 21.71 33.13 -13.23
CA VAL A 95 20.26 33.23 -13.09
C VAL A 95 19.77 33.79 -11.73
N VAL A 96 20.59 33.64 -10.69
CA VAL A 96 20.22 34.08 -9.34
C VAL A 96 20.70 35.51 -9.04
N ASN A 97 21.99 35.76 -9.22
CA ASN A 97 22.58 36.99 -8.73
C ASN A 97 22.57 38.17 -9.69
N GLY A 98 22.67 37.90 -10.98
CA GLY A 98 22.55 38.95 -11.96
C GLY A 98 22.91 38.45 -13.34
N ARG A 99 22.24 39.00 -14.35
CA ARG A 99 22.50 38.60 -15.73
C ARG A 99 23.70 39.36 -16.32
N ASN A 100 24.17 40.37 -15.58
CA ASN A 100 25.19 41.29 -16.10
C ASN A 100 26.36 41.60 -15.17
N HIS A 101 26.33 41.12 -13.93
CA HIS A 101 27.51 41.19 -13.06
C HIS A 101 28.61 40.37 -13.71
N GLN A 102 29.76 40.97 -13.96
CA GLN A 102 30.79 40.21 -14.65
C GLN A 102 31.64 39.38 -13.70
N GLY A 103 30.99 38.78 -12.69
CA GLY A 103 31.60 37.91 -11.70
C GLY A 103 32.87 37.20 -12.14
N PRO A 104 32.78 36.30 -13.11
CA PRO A 104 33.97 35.62 -13.64
C PRO A 104 35.11 36.54 -14.09
N LYS A 105 34.81 37.64 -14.80
CA LYS A 105 35.84 38.58 -15.27
C LYS A 105 36.55 39.30 -14.12
N ARG A 106 35.78 39.73 -13.13
CA ARG A 106 36.32 40.47 -11.99
C ARG A 106 37.21 39.60 -11.07
N ALA A 107 36.96 38.29 -11.08
CA ALA A 107 37.77 37.32 -10.33
C ALA A 107 39.15 37.08 -10.94
N ARG A 108 39.20 36.87 -12.26
CA ARG A 108 40.50 36.71 -12.95
C ARG A 108 41.26 38.01 -13.03
N GLU A 109 40.54 39.13 -12.99
CA GLU A 109 41.15 40.44 -12.98
C GLU A 109 41.81 40.74 -11.63
N SER A 110 41.07 40.51 -10.54
CA SER A 110 41.61 40.76 -9.20
C SER A 110 41.94 39.47 -8.47
N GLN A 111 43.22 39.11 -8.52
CA GLN A 111 43.74 37.98 -7.76
C GLN A 111 44.70 38.53 -6.71
N ASP A 112 45.18 39.75 -6.96
CA ASP A 112 45.97 40.50 -5.99
C ASP A 112 45.10 40.85 -4.78
N ARG A 113 43.86 41.26 -5.05
CA ARG A 113 42.86 41.44 -4.02
C ARG A 113 41.83 40.32 -4.15
N LYS A 114 41.74 39.50 -3.11
CA LYS A 114 40.77 38.41 -3.06
C LYS A 114 39.71 38.69 -2.01
N ILE A 115 38.48 38.29 -2.28
CA ILE A 115 37.31 38.80 -1.56
C ILE A 115 37.19 38.50 -0.07
N PHE A 116 37.81 37.43 0.40
CA PHE A 116 37.74 37.09 1.81
C PHE A 116 39.11 37.26 2.49
N ARG A 117 39.85 38.26 1.99
CA ARG A 117 41.26 38.54 2.36
C ARG A 117 41.68 38.32 3.81
N GLY A 118 40.89 38.81 4.77
CA GLY A 118 41.23 38.67 6.17
C GLY A 118 40.14 38.09 7.06
N LEU A 119 39.61 36.93 6.67
CA LEU A 119 38.53 36.29 7.43
C LEU A 119 38.85 34.86 7.85
N GLU A 120 38.35 34.47 9.03
CA GLU A 120 38.42 33.09 9.51
C GLU A 120 37.02 32.49 9.47
N ILE A 121 36.82 31.50 8.62
CA ILE A 121 35.50 30.97 8.38
C ILE A 121 35.37 29.57 8.94
N CYS A 122 34.36 29.37 9.79
CA CYS A 122 34.03 28.05 10.32
C CYS A 122 32.61 27.66 9.90
N CYS A 123 32.50 26.54 9.19
CA CYS A 123 31.21 25.95 8.86
C CYS A 123 30.73 25.13 10.04
N TYR A 124 29.46 25.29 10.41
CA TYR A 124 28.90 24.63 11.59
C TYR A 124 27.60 23.93 11.25
N GLY A 125 27.40 22.75 11.85
CA GLY A 125 26.18 21.99 11.70
C GLY A 125 25.98 21.33 10.34
N PRO A 126 24.75 20.89 10.07
CA PRO A 126 24.42 20.10 8.87
C PRO A 126 24.42 20.93 7.59
N PHE A 127 24.71 20.26 6.47
CA PHE A 127 24.79 20.89 5.15
C PHE A 127 24.26 19.92 4.09
N THR A 128 23.61 20.43 3.04
CA THR A 128 22.84 19.55 2.15
C THR A 128 23.52 19.16 0.87
N ASN A 129 23.41 20.02 -0.13
CA ASN A 129 23.66 19.63 -1.51
C ASN A 129 25.12 19.80 -1.91
N MET A 130 25.79 20.74 -1.27
CA MET A 130 27.18 21.04 -1.56
C MET A 130 28.08 20.38 -0.51
N PRO A 131 29.05 19.57 -0.96
CA PRO A 131 30.00 18.94 -0.06
C PRO A 131 30.70 20.01 0.76
N THR A 132 30.86 19.78 2.07
CA THR A 132 31.41 20.82 2.95
C THR A 132 32.84 21.11 2.56
N ASP A 133 33.60 20.04 2.34
CA ASP A 133 35.01 20.10 1.91
C ASP A 133 35.23 20.88 0.61
N GLN A 134 34.17 21.00 -0.19
CA GLN A 134 34.22 21.80 -1.41
C GLN A 134 33.99 23.27 -1.10
N LEU A 135 32.97 23.56 -0.29
CA LEU A 135 32.65 24.93 0.10
C LEU A 135 33.77 25.55 0.91
N GLU A 136 34.44 24.72 1.72
CA GLU A 136 35.63 25.13 2.46
C GLU A 136 36.80 25.46 1.54
N TRP A 137 36.92 24.72 0.45
CA TRP A 137 37.96 24.96 -0.55
C TRP A 137 37.70 26.26 -1.31
N MET A 138 36.44 26.50 -1.62
CA MET A 138 35.98 27.70 -2.31
C MET A 138 36.29 28.94 -1.47
N VAL A 139 36.05 28.79 -0.17
CA VAL A 139 36.34 29.82 0.80
C VAL A 139 37.86 30.03 0.87
N GLN A 140 38.61 28.93 0.82
CA GLN A 140 40.07 28.96 0.82
C GLN A 140 40.61 29.64 -0.44
N LEU A 141 39.91 29.44 -1.55
CA LEU A 141 40.30 29.96 -2.85
C LEU A 141 40.14 31.48 -2.96
N CYS A 142 39.28 32.04 -2.12
CA CYS A 142 39.09 33.49 -2.07
C CYS A 142 39.92 34.11 -0.95
N GLY A 143 40.89 33.35 -0.46
CA GLY A 143 41.86 33.84 0.52
C GLY A 143 41.33 33.94 1.93
N ALA A 144 40.48 33.00 2.33
CA ALA A 144 40.05 32.92 3.73
C ALA A 144 40.83 31.84 4.48
N SER A 145 40.65 31.80 5.80
CA SER A 145 41.26 30.77 6.64
C SER A 145 40.15 29.84 7.12
N VAL A 146 40.37 28.53 6.98
CA VAL A 146 39.35 27.58 7.36
C VAL A 146 39.62 27.04 8.74
N VAL A 147 38.61 27.17 9.60
CA VAL A 147 38.66 26.69 10.97
C VAL A 147 37.66 25.54 11.06
N LYS A 148 38.06 24.44 11.68
CA LYS A 148 37.24 23.24 11.69
C LYS A 148 36.45 23.06 13.00
N GLU A 149 36.78 23.84 14.02
CA GLU A 149 36.07 23.76 15.31
C GLU A 149 35.81 25.16 15.86
N LEU A 150 34.67 25.33 16.52
CA LEU A 150 34.24 26.64 17.04
C LEU A 150 35.19 27.26 18.06
N SER A 151 35.88 26.41 18.81
CA SER A 151 36.87 26.86 19.78
C SER A 151 38.18 27.31 19.12
N SER A 152 38.43 26.78 17.92
CA SER A 152 39.73 26.92 17.27
C SER A 152 39.94 28.22 16.48
N PHE A 153 39.14 29.23 16.78
CA PHE A 153 39.32 30.58 16.23
C PHE A 153 40.55 31.22 16.87
N THR A 154 41.14 32.21 16.19
CA THR A 154 42.31 32.92 16.72
C THR A 154 41.94 34.28 17.34
N GLY A 158 44.39 39.63 15.55
CA GLY A 158 43.73 40.79 14.97
C GLY A 158 43.16 40.51 13.59
N VAL A 159 42.34 39.46 13.49
CA VAL A 159 41.71 39.06 12.23
C VAL A 159 40.28 38.53 12.53
N HIS A 160 39.35 38.72 11.59
CA HIS A 160 37.91 38.52 11.85
C HIS A 160 37.37 37.08 11.67
N PRO A 161 36.58 36.61 12.63
CA PRO A 161 35.86 35.33 12.53
C PRO A 161 34.45 35.44 11.95
N ILE A 162 34.02 34.40 11.22
CA ILE A 162 32.67 34.29 10.68
C ILE A 162 32.19 32.84 10.77
N VAL A 163 30.98 32.65 11.26
CA VAL A 163 30.35 31.33 11.29
C VAL A 163 29.37 31.18 10.12
N VAL A 164 29.55 30.10 9.34
CA VAL A 164 28.71 29.82 8.17
C VAL A 164 27.81 28.61 8.43
N VAL A 165 26.51 28.79 8.23
CA VAL A 165 25.50 27.79 8.58
C VAL A 165 24.46 27.64 7.43
N GLN A 166 23.91 26.43 7.26
CA GLN A 166 22.78 26.22 6.34
C GLN A 166 21.48 25.91 7.11
N PRO A 167 20.68 26.94 7.41
CA PRO A 167 19.54 26.82 8.35
C PRO A 167 18.46 25.81 7.97
N ASP A 168 18.21 25.58 6.68
CA ASP A 168 17.20 24.63 6.24
C ASP A 168 17.67 23.16 6.28
N ALA A 169 18.90 22.92 6.72
CA ALA A 169 19.41 21.57 6.95
C ALA A 169 19.21 21.08 8.39
N TRP A 170 18.78 21.97 9.27
CA TRP A 170 18.66 21.66 10.70
C TRP A 170 17.31 21.04 11.04
N THR A 171 17.36 19.94 11.78
CA THR A 171 16.16 19.19 12.15
C THR A 171 15.51 19.74 13.41
N GLU A 172 16.32 20.20 14.36
CA GLU A 172 15.80 20.95 15.49
C GLU A 172 16.12 22.43 15.27
N ASP A 173 15.24 23.08 14.50
CA ASP A 173 15.42 24.47 14.01
C ASP A 173 15.70 25.54 15.08
N ASN A 174 15.49 25.20 16.36
CA ASN A 174 15.86 26.07 17.48
C ASN A 174 17.37 26.11 17.74
N GLY A 175 18.11 25.26 17.02
CA GLY A 175 19.52 25.03 17.29
C GLY A 175 20.51 26.03 16.71
N PHE A 176 20.20 26.65 15.58
CA PHE A 176 21.14 27.59 14.93
C PHE A 176 21.07 29.02 15.47
N HIS A 177 20.36 29.20 16.59
CA HIS A 177 20.37 30.47 17.29
C HIS A 177 21.21 30.36 18.56
N ALA A 178 21.88 29.22 18.71
CA ALA A 178 22.62 28.89 19.92
C ALA A 178 24.13 28.95 19.74
N ILE A 179 24.57 29.44 18.58
CA ILE A 179 26.00 29.54 18.29
C ILE A 179 26.58 30.79 18.96
N GLY A 180 25.74 31.80 19.15
CA GLY A 180 26.08 33.02 19.89
C GLY A 180 26.40 32.76 21.35
N GLN A 181 25.95 31.61 21.88
CA GLN A 181 26.30 31.16 23.21
C GLN A 181 27.74 30.67 23.27
N MET A 182 28.16 29.92 22.25
CA MET A 182 29.49 29.32 22.23
C MET A 182 30.61 30.30 21.86
N CYS A 183 30.29 31.32 21.06
CA CYS A 183 31.25 32.37 20.68
C CYS A 183 30.56 33.70 20.30
N GLU A 184 31.34 34.79 20.23
CA GLU A 184 30.78 36.12 19.96
C GLU A 184 30.90 36.54 18.47
N ALA A 185 31.21 35.57 17.61
CA ALA A 185 31.38 35.81 16.18
C ALA A 185 30.02 35.78 15.44
N PRO A 186 29.90 36.50 14.31
CA PRO A 186 28.66 36.54 13.52
C PRO A 186 28.29 35.20 12.87
N VAL A 187 26.99 34.96 12.76
CA VAL A 187 26.46 33.74 12.13
C VAL A 187 25.67 34.10 10.86
N VAL A 188 26.24 33.77 9.70
CA VAL A 188 25.55 34.00 8.43
C VAL A 188 25.07 32.71 7.79
N THR A 189 24.11 32.85 6.88
CA THR A 189 23.67 31.72 6.06
C THR A 189 24.72 31.36 5.00
N ARG A 190 24.58 30.15 4.46
CA ARG A 190 25.50 29.61 3.45
C ARG A 190 25.51 30.44 2.18
N GLU A 191 24.42 31.16 1.94
CA GLU A 191 24.27 31.96 0.73
C GLU A 191 25.19 33.18 0.68
N TRP A 192 25.59 33.68 1.86
CA TRP A 192 26.60 34.75 1.96
C TRP A 192 27.87 34.38 1.21
N VAL A 193 28.36 33.15 1.42
CA VAL A 193 29.49 32.63 0.66
C VAL A 193 29.16 32.58 -0.82
N LEU A 194 28.06 31.90 -1.15
CA LEU A 194 27.66 31.63 -2.53
C LEU A 194 27.42 32.89 -3.38
N ASP A 195 26.73 33.88 -2.82
CA ASP A 195 26.52 35.13 -3.52
C ASP A 195 27.83 35.86 -3.68
N SER A 196 28.65 35.83 -2.63
CA SER A 196 29.88 36.63 -2.60
C SER A 196 30.88 36.15 -3.62
N VAL A 197 30.92 34.82 -3.80
CA VAL A 197 31.77 34.20 -4.81
C VAL A 197 31.20 34.52 -6.20
N ALA A 198 29.89 34.38 -6.35
CA ALA A 198 29.25 34.59 -7.65
C ALA A 198 29.53 35.96 -8.24
N LEU A 199 29.35 37.00 -7.44
CA LEU A 199 29.59 38.36 -7.91
C LEU A 199 31.06 38.71 -7.86
N TYR A 200 31.84 37.86 -7.19
CA TYR A 200 33.21 38.19 -6.71
C TYR A 200 33.31 39.54 -6.02
N GLN A 201 32.40 39.77 -5.09
CA GLN A 201 32.55 40.85 -4.11
C GLN A 201 32.00 40.39 -2.75
N CYS A 202 32.79 40.64 -1.70
CA CYS A 202 32.40 40.30 -0.34
C CYS A 202 31.18 41.09 0.05
N GLN A 203 30.07 40.37 0.21
CA GLN A 203 28.78 41.01 0.47
C GLN A 203 28.60 41.28 1.95
N GLU A 204 27.94 42.39 2.27
CA GLU A 204 27.77 42.81 3.65
C GLU A 204 26.83 41.90 4.42
N LEU A 205 27.33 41.41 5.55
CA LEU A 205 26.74 40.32 6.31
C LEU A 205 25.33 40.58 6.83
N ASP A 206 24.92 41.85 6.79
CA ASP A 206 23.63 42.32 7.34
C ASP A 206 22.42 41.58 6.79
N THR A 207 22.44 41.29 5.50
CA THR A 207 21.31 40.63 4.84
C THR A 207 21.27 39.11 5.11
N TYR A 208 22.41 38.57 5.53
CA TYR A 208 22.60 37.14 5.71
C TYR A 208 22.66 36.74 7.19
N LEU A 209 22.66 37.73 8.07
CA LEU A 209 22.91 37.51 9.49
C LEU A 209 21.77 36.85 10.25
N ILE A 210 22.07 35.66 10.78
CA ILE A 210 21.15 34.94 11.66
C ILE A 210 21.20 35.52 13.08
N PRO A 211 20.05 35.97 13.57
CA PRO A 211 19.90 36.49 14.93
C PRO A 211 20.16 35.44 16.01
N GLN A 212 21.08 35.74 16.94
CA GLN A 212 21.44 34.78 17.99
C GLN A 212 20.76 35.07 19.33
N ILE A 213 20.54 34.00 20.10
CA ILE A 213 19.91 34.07 21.42
C ILE A 213 20.87 34.70 22.44
N PRO A 214 20.33 35.54 23.34
CA PRO A 214 21.13 36.06 24.45
C PRO A 214 21.31 35.02 25.55
N VAL B 1 3.66 13.29 11.08
CA VAL B 1 2.61 13.24 12.09
C VAL B 1 1.23 13.31 11.45
N ASN B 2 0.89 12.26 10.69
CA ASN B 2 -0.44 12.06 10.11
C ASN B 2 -0.59 10.62 9.69
N LYS B 3 -1.72 10.01 10.03
CA LYS B 3 -1.93 8.59 9.78
C LYS B 3 -1.93 8.29 8.26
N ARG B 4 -1.68 7.03 7.90
CA ARG B 4 -1.71 6.63 6.50
C ARG B 4 -3.12 6.90 5.96
N MET B 5 -3.19 7.80 4.99
CA MET B 5 -4.46 8.29 4.48
C MET B 5 -4.82 7.71 3.11
N SER B 6 -5.74 6.75 3.09
CA SER B 6 -6.21 6.20 1.83
C SER B 6 -7.67 6.56 1.62
N MET B 7 -7.94 7.16 0.46
CA MET B 7 -9.17 7.86 0.21
C MET B 7 -9.98 7.23 -0.92
N VAL B 8 -11.29 7.26 -0.77
CA VAL B 8 -12.21 6.80 -1.80
C VAL B 8 -13.37 7.80 -1.96
N VAL B 9 -14.01 7.78 -3.13
CA VAL B 9 -14.93 8.85 -3.50
C VAL B 9 -16.32 8.28 -3.82
N SER B 10 -17.38 9.01 -3.52
CA SER B 10 -18.72 8.55 -3.89
C SER B 10 -19.73 9.63 -4.30
N GLY B 11 -20.50 9.35 -5.34
CA GLY B 11 -21.53 10.27 -5.80
C GLY B 11 -21.02 11.44 -6.62
N LEU B 12 -19.71 11.49 -6.86
CA LEU B 12 -19.10 12.63 -7.52
C LEU B 12 -19.16 12.55 -9.04
N THR B 13 -19.22 13.71 -9.68
CA THR B 13 -19.09 13.83 -11.14
C THR B 13 -17.63 13.69 -11.53
N PRO B 14 -17.31 13.40 -12.80
CA PRO B 14 -15.93 13.30 -13.26
C PRO B 14 -15.09 14.55 -13.01
N GLU B 15 -15.71 15.73 -13.07
CA GLU B 15 -14.99 16.97 -12.78
C GLU B 15 -14.77 17.18 -11.27
N GLU B 16 -15.70 16.68 -10.46
CA GLU B 16 -15.54 16.72 -9.00
C GLU B 16 -14.51 15.69 -8.55
N PHE B 17 -14.44 14.57 -9.26
CA PHE B 17 -13.44 13.55 -9.04
C PHE B 17 -12.05 14.09 -9.34
N MET B 18 -11.92 14.86 -10.42
CA MET B 18 -10.65 15.44 -10.82
C MET B 18 -10.12 16.39 -9.77
N LEU B 19 -11.03 17.13 -9.12
CA LEU B 19 -10.65 18.06 -8.06
C LEU B 19 -10.10 17.33 -6.84
N VAL B 20 -10.66 16.15 -6.58
CA VAL B 20 -10.19 15.27 -5.52
C VAL B 20 -8.84 14.66 -5.92
N TYR B 21 -8.75 14.23 -7.17
CA TYR B 21 -7.52 13.71 -7.76
C TYR B 21 -6.40 14.74 -7.66
N LYS B 22 -6.75 16.01 -7.90
CA LYS B 22 -5.82 17.15 -7.75
C LYS B 22 -5.49 17.40 -6.27
N PHE B 23 -6.49 17.20 -5.41
CA PHE B 23 -6.33 17.37 -3.97
C PHE B 23 -5.49 16.25 -3.36
N ALA B 24 -5.61 15.05 -3.92
CA ALA B 24 -4.93 13.87 -3.39
C ALA B 24 -3.41 13.95 -3.57
N ARG B 25 -2.98 14.42 -4.73
CA ARG B 25 -1.56 14.52 -5.01
C ARG B 25 -0.93 15.69 -4.26
N LYS B 26 -1.71 16.74 -4.01
CA LYS B 26 -1.23 17.96 -3.37
C LYS B 26 -0.87 17.72 -1.92
N HIS B 27 -1.54 16.74 -1.31
CA HIS B 27 -1.38 16.44 0.11
C HIS B 27 -0.91 15.00 0.34
N HIS B 28 -0.29 14.41 -0.70
CA HIS B 28 0.25 13.05 -0.65
C HIS B 28 -0.73 11.99 -0.11
N ILE B 29 -2.00 12.12 -0.49
CA ILE B 29 -3.04 11.18 -0.07
C ILE B 29 -3.29 10.14 -1.18
N THR B 30 -3.28 8.87 -0.79
CA THR B 30 -3.59 7.75 -1.67
C THR B 30 -5.05 7.82 -2.09
N LEU B 31 -5.30 7.81 -3.39
CA LEU B 31 -6.66 7.70 -3.92
C LEU B 31 -6.80 6.42 -4.70
N THR B 32 -7.91 5.73 -4.46
CA THR B 32 -8.24 4.47 -5.10
C THR B 32 -9.68 4.50 -5.60
N ASN B 33 -9.96 3.75 -6.66
CA ASN B 33 -11.30 3.74 -7.24
C ASN B 33 -12.25 2.80 -6.50
N LEU B 34 -11.68 1.85 -5.77
CA LEU B 34 -12.47 0.87 -5.03
C LEU B 34 -12.05 0.80 -3.56
N ILE B 35 -12.96 0.34 -2.72
CA ILE B 35 -12.78 0.36 -1.27
C ILE B 35 -12.12 -0.92 -0.70
N THR B 36 -11.05 -0.71 0.06
CA THR B 36 -10.27 -1.78 0.69
C THR B 36 -10.33 -1.71 2.21
N GLU B 37 -9.53 -2.54 2.87
CA GLU B 37 -9.38 -2.46 4.32
C GLU B 37 -8.44 -1.32 4.64
N GLU B 38 -7.49 -1.09 3.73
CA GLU B 38 -6.46 -0.07 3.90
C GLU B 38 -7.00 1.35 3.68
N THR B 39 -8.22 1.44 3.17
CA THR B 39 -8.92 2.71 2.98
C THR B 39 -9.21 3.33 4.34
N THR B 40 -8.99 4.64 4.48
CA THR B 40 -9.35 5.35 5.69
C THR B 40 -10.49 6.35 5.51
N HIS B 41 -10.55 6.99 4.35
CA HIS B 41 -11.51 8.05 4.14
C HIS B 41 -12.45 7.73 3.00
N VAL B 42 -13.75 7.83 3.28
CA VAL B 42 -14.79 7.73 2.26
C VAL B 42 -15.37 9.12 2.07
N VAL B 43 -15.18 9.69 0.89
CA VAL B 43 -15.63 11.04 0.61
C VAL B 43 -16.93 11.05 -0.19
N MET B 44 -18.02 11.43 0.51
CA MET B 44 -19.38 11.40 -0.03
C MET B 44 -19.79 12.75 -0.56
N LYS B 45 -20.33 12.77 -1.77
CA LYS B 45 -21.07 13.92 -2.25
C LYS B 45 -22.24 14.08 -1.32
N THR B 46 -22.39 15.29 -0.75
CA THR B 46 -23.51 15.61 0.13
C THR B 46 -24.14 16.94 -0.26
N ASP B 47 -25.17 17.36 0.50
CA ASP B 47 -25.62 18.75 0.43
C ASP B 47 -24.95 19.55 1.55
N ALA B 48 -25.38 20.79 1.77
CA ALA B 48 -24.73 21.68 2.73
C ALA B 48 -24.95 21.32 4.21
N GLU B 49 -25.98 20.52 4.46
CA GLU B 49 -26.30 20.04 5.81
C GLU B 49 -25.63 18.68 6.08
N PHE B 50 -24.79 18.27 5.13
CA PHE B 50 -23.94 17.04 5.18
C PHE B 50 -24.75 15.75 5.16
N VAL B 51 -25.56 15.59 4.12
CA VAL B 51 -26.47 14.45 3.94
C VAL B 51 -26.21 13.80 2.58
N CYS B 52 -25.98 12.50 2.56
CA CYS B 52 -25.72 11.84 1.28
C CYS B 52 -26.80 10.83 0.91
N GLU B 53 -26.51 10.01 -0.10
CA GLU B 53 -27.35 8.86 -0.42
C GLU B 53 -26.60 7.57 -0.08
N ARG B 54 -27.34 6.47 0.09
CA ARG B 54 -26.71 5.21 0.46
C ARG B 54 -26.12 4.48 -0.74
N THR B 55 -24.80 4.46 -0.81
CA THR B 55 -24.06 3.64 -1.78
C THR B 55 -23.27 2.59 -0.99
N LEU B 56 -22.70 1.62 -1.71
CA LEU B 56 -21.92 0.54 -1.10
C LEU B 56 -20.74 1.06 -0.32
N LYS B 57 -20.07 2.08 -0.87
CA LYS B 57 -18.93 2.74 -0.21
C LYS B 57 -19.34 3.45 1.07
N TYR B 58 -20.55 4.00 1.10
CA TYR B 58 -21.08 4.62 2.30
C TYR B 58 -21.37 3.57 3.37
N PHE B 59 -21.85 2.41 2.93
CA PHE B 59 -22.17 1.32 3.82
C PHE B 59 -20.93 0.72 4.43
N LEU B 60 -19.94 0.45 3.58
CA LEU B 60 -18.69 -0.14 4.02
C LEU B 60 -17.89 0.82 4.87
N GLY B 61 -17.97 2.10 4.53
CA GLY B 61 -17.26 3.15 5.24
C GLY B 61 -17.64 3.13 6.70
N ILE B 62 -18.94 3.17 6.97
CA ILE B 62 -19.44 3.14 8.33
C ILE B 62 -19.07 1.81 9.00
N ALA B 63 -19.41 0.71 8.33
CA ALA B 63 -19.22 -0.63 8.86
C ALA B 63 -17.79 -0.95 9.28
N GLY B 64 -16.82 -0.37 8.57
CA GLY B 64 -15.41 -0.56 8.84
C GLY B 64 -14.86 0.47 9.81
N GLY B 65 -15.69 1.43 10.21
CA GLY B 65 -15.28 2.47 11.14
C GLY B 65 -14.40 3.53 10.52
N LYS B 66 -14.61 3.80 9.23
CA LYS B 66 -13.81 4.74 8.45
C LYS B 66 -14.28 6.18 8.64
N TRP B 67 -13.48 7.14 8.17
CA TRP B 67 -13.89 8.55 8.16
C TRP B 67 -14.86 8.74 6.99
N VAL B 68 -16.15 8.85 7.29
CA VAL B 68 -17.13 9.13 6.24
C VAL B 68 -17.38 10.64 6.22
N VAL B 69 -16.72 11.32 5.27
CA VAL B 69 -16.69 12.78 5.20
C VAL B 69 -17.39 13.32 3.96
N SER B 70 -17.87 14.56 4.08
CA SER B 70 -18.49 15.30 2.99
C SER B 70 -17.47 15.77 1.95
N TYR B 71 -17.91 15.90 0.71
CA TYR B 71 -17.07 16.39 -0.39
C TYR B 71 -16.65 17.84 -0.16
N PHE B 72 -17.45 18.59 0.60
CA PHE B 72 -17.07 19.93 1.05
C PHE B 72 -15.72 19.95 1.78
N TRP B 73 -15.37 18.83 2.42
CA TRP B 73 -14.06 18.68 3.06
C TRP B 73 -12.91 18.91 2.09
N VAL B 74 -13.14 18.58 0.82
CA VAL B 74 -12.14 18.78 -0.21
C VAL B 74 -12.20 20.22 -0.72
N THR B 75 -13.40 20.68 -1.04
CA THR B 75 -13.58 22.00 -1.65
C THR B 75 -13.27 23.16 -0.71
N GLN B 76 -13.78 23.10 0.52
CA GLN B 76 -13.52 24.16 1.49
C GLN B 76 -12.05 24.21 1.98
N SER B 77 -11.33 23.11 1.77
CA SER B 77 -9.90 23.04 2.06
C SER B 77 -9.08 23.71 0.96
N ILE B 78 -9.55 23.59 -0.29
CA ILE B 78 -8.88 24.22 -1.43
C ILE B 78 -9.02 25.75 -1.36
N LYS B 79 -10.19 26.20 -0.89
CA LYS B 79 -10.48 27.64 -0.73
C LYS B 79 -9.66 28.22 0.43
N GLU B 80 -9.44 27.41 1.46
CA GLU B 80 -8.72 27.86 2.65
C GLU B 80 -7.23 27.48 2.64
N ARG B 81 -6.79 26.88 1.54
CA ARG B 81 -5.37 26.53 1.27
C ARG B 81 -4.68 25.58 2.29
N LYS B 82 -5.35 25.32 3.40
CA LYS B 82 -4.89 24.36 4.40
C LYS B 82 -5.73 23.08 4.25
N MET B 83 -5.30 21.99 4.87
CA MET B 83 -6.08 20.74 4.88
C MET B 83 -6.90 20.60 6.18
N LEU B 84 -8.18 20.97 6.10
CA LEU B 84 -9.04 21.13 7.26
C LEU B 84 -9.32 19.84 8.01
N ASN B 85 -9.76 19.99 9.26
CA ASN B 85 -10.03 18.86 10.14
C ASN B 85 -11.28 18.11 9.70
N GLU B 86 -11.17 16.78 9.73
CA GLU B 86 -12.21 15.85 9.28
C GLU B 86 -13.46 15.92 10.13
N HIS B 87 -13.28 16.21 11.42
CA HIS B 87 -14.36 16.21 12.41
C HIS B 87 -15.50 17.12 12.00
N ASP B 88 -15.15 18.34 11.55
CA ASP B 88 -16.13 19.37 11.19
C ASP B 88 -16.75 19.16 9.81
N PHE B 89 -16.46 18.02 9.18
CA PHE B 89 -16.94 17.72 7.84
C PHE B 89 -17.47 16.30 7.70
N GLU B 90 -17.58 15.59 8.83
CA GLU B 90 -18.09 14.21 8.84
C GLU B 90 -19.55 14.22 8.46
N VAL B 91 -19.97 13.27 7.62
CA VAL B 91 -21.38 13.26 7.19
C VAL B 91 -22.31 13.05 8.37
N ARG B 92 -23.34 13.87 8.39
CA ARG B 92 -24.24 13.96 9.52
C ARG B 92 -25.39 12.96 9.38
N GLY B 93 -25.60 12.41 8.18
CA GLY B 93 -26.65 11.43 7.94
C GLY B 93 -26.94 11.14 6.48
N ASP B 94 -27.97 10.33 6.21
CA ASP B 94 -28.32 9.95 4.84
C ASP B 94 -29.77 10.22 4.47
N VAL B 95 -30.05 10.24 3.17
CA VAL B 95 -31.36 10.60 2.63
C VAL B 95 -32.52 9.66 3.03
N VAL B 96 -32.19 8.43 3.41
CA VAL B 96 -33.20 7.40 3.70
C VAL B 96 -33.44 7.28 5.20
N ASN B 97 -32.36 7.10 5.97
CA ASN B 97 -32.50 6.81 7.38
C ASN B 97 -32.68 8.01 8.30
N GLY B 98 -31.94 9.09 8.05
CA GLY B 98 -32.12 10.31 8.82
C GLY B 98 -31.16 11.41 8.42
N ARG B 99 -31.63 12.65 8.51
CA ARG B 99 -30.81 13.81 8.16
C ARG B 99 -29.77 14.16 9.22
N ASN B 100 -29.84 13.50 10.37
CA ASN B 100 -28.99 13.85 11.49
C ASN B 100 -28.57 12.68 12.38
N HIS B 101 -28.90 11.45 11.97
CA HIS B 101 -28.38 10.29 12.68
C HIS B 101 -26.87 10.27 12.49
N GLN B 102 -26.14 10.48 13.56
CA GLN B 102 -24.70 10.56 13.42
C GLN B 102 -24.11 9.15 13.50
N GLY B 103 -24.46 8.37 12.47
CA GLY B 103 -24.07 6.98 12.32
C GLY B 103 -22.59 6.77 12.10
N PRO B 104 -22.01 7.44 11.10
CA PRO B 104 -20.55 7.35 10.87
C PRO B 104 -19.77 7.64 12.14
N LYS B 105 -20.04 8.77 12.80
CA LYS B 105 -19.37 9.13 14.04
C LYS B 105 -19.52 8.01 15.07
N ARG B 106 -20.75 7.53 15.24
CA ARG B 106 -21.11 6.45 16.18
C ARG B 106 -20.24 5.22 15.96
N ALA B 107 -19.99 4.91 14.69
CA ALA B 107 -19.23 3.74 14.29
C ALA B 107 -17.74 3.81 14.65
N ARG B 108 -17.12 4.97 14.46
CA ARG B 108 -15.72 5.13 14.86
C ARG B 108 -15.59 5.34 16.35
N GLU B 109 -16.64 5.86 16.98
CA GLU B 109 -16.70 6.02 18.43
C GLU B 109 -16.88 4.68 19.14
N SER B 110 -17.74 3.80 18.59
CA SER B 110 -17.94 2.49 19.19
C SER B 110 -17.47 1.34 18.29
N GLN B 111 -16.23 0.93 18.47
CA GLN B 111 -15.68 -0.23 17.76
C GLN B 111 -15.46 -1.39 18.73
N ASP B 112 -15.32 -1.06 20.02
CA ASP B 112 -15.22 -2.04 21.10
C ASP B 112 -16.52 -2.83 21.27
N ARG B 113 -17.65 -2.14 21.02
CA ARG B 113 -18.95 -2.79 20.91
C ARG B 113 -19.48 -2.59 19.49
N LYS B 114 -19.62 -3.69 18.76
CA LYS B 114 -20.09 -3.68 17.37
C LYS B 114 -21.53 -4.18 17.31
N ILE B 115 -22.30 -3.69 16.33
CA ILE B 115 -23.77 -3.88 16.32
C ILE B 115 -24.29 -5.30 16.09
N PHE B 116 -23.51 -6.16 15.44
CA PHE B 116 -23.93 -7.57 15.28
C PHE B 116 -23.11 -8.50 16.18
N ARG B 117 -22.88 -8.03 17.41
CA ARG B 117 -21.97 -8.64 18.39
C ARG B 117 -21.95 -10.16 18.45
N GLY B 118 -23.06 -10.77 18.83
CA GLY B 118 -23.12 -12.22 18.92
C GLY B 118 -24.10 -12.84 17.94
N LEU B 119 -23.93 -12.53 16.66
CA LEU B 119 -24.91 -12.92 15.64
C LEU B 119 -24.34 -13.83 14.54
N GLU B 120 -25.24 -14.61 13.94
CA GLU B 120 -24.90 -15.56 12.88
C GLU B 120 -25.84 -15.29 11.72
N ILE B 121 -25.28 -14.80 10.62
CA ILE B 121 -26.09 -14.44 9.47
C ILE B 121 -25.84 -15.37 8.28
N CYS B 122 -26.93 -15.88 7.73
CA CYS B 122 -26.89 -16.66 6.50
C CYS B 122 -27.69 -15.92 5.43
N CYS B 123 -27.02 -15.52 4.36
CA CYS B 123 -27.72 -14.90 3.23
C CYS B 123 -28.34 -16.00 2.39
N TYR B 124 -29.62 -15.83 2.05
CA TYR B 124 -30.35 -16.87 1.33
C TYR B 124 -30.98 -16.33 0.06
N GLY B 125 -30.95 -17.16 -0.99
CA GLY B 125 -31.58 -16.85 -2.26
C GLY B 125 -30.80 -15.87 -3.13
N PRO B 126 -31.46 -15.39 -4.19
CA PRO B 126 -30.85 -14.42 -5.10
C PRO B 126 -30.70 -13.02 -4.51
N PHE B 127 -29.75 -12.25 -5.04
CA PHE B 127 -29.51 -10.88 -4.64
C PHE B 127 -29.17 -10.03 -5.86
N THR B 128 -29.77 -8.85 -5.97
CA THR B 128 -29.66 -8.06 -7.21
C THR B 128 -28.57 -6.98 -7.18
N ASN B 129 -28.75 -5.97 -6.34
CA ASN B 129 -28.04 -4.71 -6.54
C ASN B 129 -26.72 -4.57 -5.78
N MET B 130 -26.56 -5.36 -4.74
CA MET B 130 -25.31 -5.40 -3.99
C MET B 130 -24.69 -6.75 -4.24
N PRO B 131 -23.40 -6.80 -4.54
CA PRO B 131 -22.69 -8.09 -4.63
C PRO B 131 -22.80 -8.75 -3.27
N THR B 132 -23.12 -10.04 -3.24
CA THR B 132 -23.39 -10.75 -1.99
C THR B 132 -22.19 -10.73 -1.08
N ASP B 133 -21.03 -11.05 -1.66
CA ASP B 133 -19.75 -11.08 -0.96
C ASP B 133 -19.49 -9.78 -0.21
N GLN B 134 -19.96 -8.68 -0.78
CA GLN B 134 -19.78 -7.36 -0.20
C GLN B 134 -20.70 -7.15 1.00
N LEU B 135 -21.95 -7.58 0.89
CA LEU B 135 -22.89 -7.54 2.01
C LEU B 135 -22.39 -8.41 3.15
N GLU B 136 -21.88 -9.60 2.79
CA GLU B 136 -21.30 -10.53 3.75
C GLU B 136 -20.08 -9.94 4.46
N TRP B 137 -19.27 -9.20 3.71
CA TRP B 137 -18.12 -8.51 4.27
C TRP B 137 -18.59 -7.45 5.24
N MET B 138 -19.62 -6.71 4.82
CA MET B 138 -20.17 -5.60 5.59
C MET B 138 -20.70 -6.09 6.92
N VAL B 139 -21.46 -7.19 6.88
CA VAL B 139 -21.99 -7.85 8.07
C VAL B 139 -20.87 -8.37 8.98
N GLN B 140 -19.78 -8.88 8.37
CA GLN B 140 -18.61 -9.38 9.11
C GLN B 140 -17.83 -8.24 9.76
N LEU B 141 -17.92 -7.05 9.17
CA LEU B 141 -17.24 -5.87 9.68
C LEU B 141 -17.91 -5.34 10.93
N CYS B 142 -19.18 -5.69 11.11
CA CYS B 142 -19.92 -5.31 12.31
C CYS B 142 -20.01 -6.45 13.33
N GLY B 143 -19.14 -7.44 13.20
CA GLY B 143 -18.94 -8.45 14.22
C GLY B 143 -19.78 -9.71 14.13
N ALA B 144 -20.46 -9.88 13.01
CA ALA B 144 -21.29 -11.06 12.78
C ALA B 144 -20.46 -12.26 12.30
N SER B 145 -21.12 -13.40 12.18
CA SER B 145 -20.55 -14.59 11.56
C SER B 145 -21.25 -14.87 10.22
N VAL B 146 -20.47 -15.11 9.18
CA VAL B 146 -21.02 -15.42 7.87
C VAL B 146 -21.16 -16.93 7.71
N VAL B 147 -22.38 -17.38 7.44
CA VAL B 147 -22.67 -18.79 7.27
C VAL B 147 -23.23 -18.99 5.86
N LYS B 148 -22.56 -19.86 5.10
CA LYS B 148 -22.84 -19.99 3.67
C LYS B 148 -23.99 -20.94 3.33
N GLU B 149 -24.25 -21.91 4.20
CA GLU B 149 -25.30 -22.90 3.96
C GLU B 149 -26.27 -22.97 5.13
N LEU B 150 -27.55 -23.21 4.83
CA LEU B 150 -28.63 -23.17 5.83
C LEU B 150 -28.46 -24.13 7.01
N SER B 151 -27.86 -25.29 6.73
CA SER B 151 -27.62 -26.30 7.75
C SER B 151 -26.39 -25.98 8.61
N SER B 152 -25.57 -25.04 8.14
CA SER B 152 -24.30 -24.71 8.80
C SER B 152 -24.40 -23.64 9.90
N PHE B 153 -25.57 -23.50 10.51
CA PHE B 153 -25.76 -22.66 11.69
C PHE B 153 -25.26 -23.39 12.93
N THR B 154 -24.68 -22.63 13.87
CA THR B 154 -24.32 -23.18 15.17
C THR B 154 -25.46 -22.93 16.15
N LEU B 155 -26.21 -23.99 16.46
CA LEU B 155 -27.41 -23.91 17.30
C LEU B 155 -27.10 -24.01 18.80
N GLY B 156 -26.06 -23.31 19.23
CA GLY B 156 -25.69 -23.20 20.63
C GLY B 156 -26.22 -21.91 21.23
N THR B 157 -25.98 -21.72 22.53
CA THR B 157 -26.51 -20.57 23.26
C THR B 157 -25.78 -19.25 22.94
N GLY B 158 -24.49 -19.36 22.63
CA GLY B 158 -23.61 -18.19 22.55
C GLY B 158 -23.82 -17.23 21.39
N VAL B 159 -24.58 -17.64 20.38
CA VAL B 159 -24.73 -16.87 19.15
C VAL B 159 -26.11 -17.08 18.48
N HIS B 160 -26.77 -15.98 18.09
CA HIS B 160 -28.13 -16.02 17.55
C HIS B 160 -28.17 -16.07 16.01
N PRO B 161 -28.83 -17.09 15.46
CA PRO B 161 -28.94 -17.24 14.01
C PRO B 161 -29.97 -16.29 13.37
N ILE B 162 -29.61 -15.72 12.22
CA ILE B 162 -30.49 -14.85 11.44
C ILE B 162 -30.37 -15.18 9.94
N VAL B 163 -31.50 -15.24 9.25
CA VAL B 163 -31.50 -15.40 7.80
C VAL B 163 -31.84 -14.10 7.11
N VAL B 164 -31.03 -13.74 6.12
CA VAL B 164 -31.17 -12.50 5.38
C VAL B 164 -31.50 -12.81 3.91
N VAL B 165 -32.49 -12.10 3.38
CA VAL B 165 -33.15 -12.45 2.13
C VAL B 165 -33.48 -11.18 1.35
N GLN B 166 -33.49 -11.26 0.02
CA GLN B 166 -34.01 -10.16 -0.79
C GLN B 166 -35.32 -10.58 -1.44
N PRO B 167 -36.43 -10.01 -0.96
CA PRO B 167 -37.77 -10.47 -1.34
C PRO B 167 -38.07 -10.20 -2.82
N ASP B 168 -37.70 -9.01 -3.28
CA ASP B 168 -37.97 -8.56 -4.65
C ASP B 168 -37.23 -9.38 -5.69
N ALA B 169 -36.10 -9.96 -5.29
CA ALA B 169 -35.27 -10.76 -6.18
C ALA B 169 -35.93 -12.07 -6.62
N TRP B 170 -36.75 -12.65 -5.73
CA TRP B 170 -37.43 -13.92 -6.00
C TRP B 170 -38.45 -13.85 -7.17
N THR B 171 -38.26 -14.74 -8.14
CA THR B 171 -39.13 -14.78 -9.32
C THR B 171 -40.37 -15.64 -9.08
N PHE B 176 -39.81 -18.05 -0.36
CA PHE B 176 -39.35 -16.97 0.51
C PHE B 176 -40.03 -17.06 1.87
N HIS B 177 -41.18 -17.73 1.91
CA HIS B 177 -41.91 -17.99 3.15
C HIS B 177 -41.75 -19.47 3.54
N ALA B 178 -40.86 -20.17 2.85
CA ALA B 178 -40.66 -21.61 3.01
C ALA B 178 -39.36 -21.98 3.72
N ILE B 179 -38.60 -20.96 4.13
CA ILE B 179 -37.32 -21.15 4.80
C ILE B 179 -37.49 -21.55 6.25
N GLY B 180 -38.67 -21.27 6.80
CA GLY B 180 -39.04 -21.65 8.16
C GLY B 180 -39.20 -23.14 8.37
N GLN B 181 -39.47 -23.88 7.29
CA GLN B 181 -39.57 -25.35 7.36
C GLN B 181 -38.18 -26.01 7.39
N MET B 182 -37.17 -25.30 6.89
CA MET B 182 -35.82 -25.84 6.83
C MET B 182 -35.05 -25.67 8.15
N CYS B 183 -35.24 -24.54 8.82
CA CYS B 183 -34.53 -24.26 10.08
C CYS B 183 -35.32 -23.39 11.07
N GLU B 184 -34.87 -23.40 12.33
CA GLU B 184 -35.50 -22.63 13.40
C GLU B 184 -34.78 -21.31 13.62
N ALA B 185 -34.90 -20.39 12.67
CA ALA B 185 -34.28 -19.07 12.77
C ALA B 185 -35.15 -18.01 12.08
N PRO B 186 -35.13 -16.76 12.57
CA PRO B 186 -35.88 -15.66 11.93
C PRO B 186 -35.40 -15.30 10.53
N VAL B 187 -36.36 -15.02 9.66
CA VAL B 187 -36.06 -14.57 8.30
C VAL B 187 -36.38 -13.09 8.19
N VAL B 188 -35.36 -12.28 7.94
CA VAL B 188 -35.55 -10.84 7.77
C VAL B 188 -35.03 -10.36 6.42
N THR B 189 -35.54 -9.21 5.99
CA THR B 189 -35.19 -8.62 4.71
C THR B 189 -33.79 -8.03 4.76
N ARG B 190 -33.20 -7.85 3.58
CA ARG B 190 -31.84 -7.32 3.41
C ARG B 190 -31.72 -5.92 3.96
N GLU B 191 -32.81 -5.16 3.91
CA GLU B 191 -32.82 -3.80 4.42
C GLU B 191 -32.60 -3.73 5.94
N TRP B 192 -32.80 -4.83 6.66
CA TRP B 192 -32.43 -4.89 8.09
C TRP B 192 -30.94 -4.68 8.32
N VAL B 193 -30.09 -5.38 7.56
CA VAL B 193 -28.63 -5.19 7.64
C VAL B 193 -28.31 -3.76 7.29
N LEU B 194 -28.89 -3.29 6.19
CA LEU B 194 -28.56 -1.99 5.63
C LEU B 194 -28.98 -0.82 6.53
N ASP B 195 -30.18 -0.88 7.12
CA ASP B 195 -30.63 0.15 8.04
C ASP B 195 -29.85 0.12 9.35
N SER B 196 -29.51 -1.09 9.81
CA SER B 196 -28.76 -1.29 11.04
C SER B 196 -27.35 -0.73 10.95
N VAL B 197 -26.71 -0.97 9.81
CA VAL B 197 -25.36 -0.47 9.54
C VAL B 197 -25.35 1.04 9.36
N ALA B 198 -26.30 1.58 8.59
CA ALA B 198 -26.36 3.01 8.32
C ALA B 198 -26.54 3.82 9.59
N LEU B 199 -27.43 3.35 10.46
CA LEU B 199 -27.64 3.98 11.76
C LEU B 199 -26.51 3.65 12.75
N TYR B 200 -25.71 2.63 12.41
CA TYR B 200 -24.85 1.93 13.36
C TYR B 200 -25.56 1.62 14.68
N GLN B 201 -26.71 0.95 14.55
CA GLN B 201 -27.58 0.67 15.67
C GLN B 201 -28.31 -0.61 15.31
N CYS B 202 -28.15 -1.65 16.11
CA CYS B 202 -28.78 -2.93 15.79
C CYS B 202 -30.28 -2.82 15.91
N GLN B 203 -30.95 -2.81 14.77
CA GLN B 203 -32.39 -2.68 14.72
C GLN B 203 -33.10 -3.96 15.11
N GLU B 204 -34.26 -3.81 15.74
CA GLU B 204 -35.11 -4.95 16.07
C GLU B 204 -35.66 -5.58 14.80
N LEU B 205 -35.71 -6.90 14.80
CA LEU B 205 -36.15 -7.66 13.62
C LEU B 205 -37.64 -7.53 13.34
N ASP B 206 -38.41 -7.06 14.34
CA ASP B 206 -39.88 -6.95 14.30
C ASP B 206 -40.47 -6.42 13.00
N THR B 207 -40.00 -5.25 12.59
CA THR B 207 -40.54 -4.57 11.41
C THR B 207 -40.03 -5.21 10.13
N TYR B 208 -38.82 -5.76 10.20
CA TYR B 208 -38.14 -6.33 9.03
C TYR B 208 -38.49 -7.79 8.76
N LEU B 209 -39.16 -8.44 9.71
CA LEU B 209 -39.43 -9.87 9.67
C LEU B 209 -40.39 -10.28 8.57
N ILE B 210 -39.98 -11.27 7.79
CA ILE B 210 -40.80 -11.86 6.75
C ILE B 210 -41.57 -13.02 7.36
N PRO B 211 -42.91 -12.97 7.27
CA PRO B 211 -43.77 -13.96 7.93
C PRO B 211 -43.65 -15.36 7.33
N GLN B 212 -43.59 -16.38 8.18
CA GLN B 212 -43.37 -17.74 7.71
C GLN B 212 -44.60 -18.61 7.86
N ILE B 213 -44.87 -19.40 6.83
CA ILE B 213 -45.93 -20.41 6.88
C ILE B 213 -45.33 -21.77 7.22
N PRO B 214 -45.98 -22.51 8.14
CA PRO B 214 -45.56 -23.86 8.50
C PRO B 214 -45.93 -24.91 7.44
N ARG C 4 -20.80 -20.14 -36.34
CA ARG C 4 -20.38 -21.02 -35.25
C ARG C 4 -21.12 -20.63 -33.98
N MET C 5 -21.90 -21.59 -33.45
CA MET C 5 -22.75 -21.41 -32.27
C MET C 5 -22.00 -21.02 -31.00
N SER C 6 -22.12 -19.75 -30.62
CA SER C 6 -21.59 -19.23 -29.37
C SER C 6 -22.74 -18.81 -28.47
N MET C 7 -22.64 -19.15 -27.19
CA MET C 7 -23.79 -19.08 -26.29
C MET C 7 -23.55 -18.25 -25.04
N VAL C 8 -24.62 -17.63 -24.54
CA VAL C 8 -24.61 -16.90 -23.27
C VAL C 8 -25.90 -17.21 -22.49
N VAL C 9 -25.85 -17.03 -21.18
CA VAL C 9 -26.96 -17.41 -20.33
C VAL C 9 -27.40 -16.19 -19.52
N SER C 10 -28.69 -16.04 -19.22
CA SER C 10 -29.16 -14.91 -18.41
C SER C 10 -30.34 -15.16 -17.46
N GLY C 11 -30.15 -14.82 -16.19
CA GLY C 11 -31.21 -14.97 -15.20
C GLY C 11 -31.21 -16.32 -14.52
N LEU C 12 -30.12 -17.06 -14.71
CA LEU C 12 -29.99 -18.40 -14.17
C LEU C 12 -29.33 -18.45 -12.79
N THR C 13 -29.74 -19.42 -11.99
CA THR C 13 -29.06 -19.74 -10.74
C THR C 13 -27.80 -20.57 -11.09
N PRO C 14 -26.86 -20.71 -10.17
CA PRO C 14 -25.65 -21.52 -10.41
C PRO C 14 -25.92 -22.97 -10.80
N GLU C 15 -26.87 -23.65 -10.14
CA GLU C 15 -27.17 -25.05 -10.47
C GLU C 15 -27.77 -25.17 -11.86
N GLU C 16 -28.55 -24.16 -12.26
CA GLU C 16 -29.12 -24.10 -13.59
C GLU C 16 -28.04 -23.81 -14.63
N PHE C 17 -27.06 -22.99 -14.26
CA PHE C 17 -25.95 -22.63 -15.13
C PHE C 17 -25.08 -23.85 -15.41
N MET C 18 -24.94 -24.70 -14.40
CA MET C 18 -24.14 -25.91 -14.51
C MET C 18 -24.82 -26.97 -15.37
N LEU C 19 -26.14 -26.84 -15.57
CA LEU C 19 -26.87 -27.70 -16.49
C LEU C 19 -26.49 -27.33 -17.90
N VAL C 20 -26.42 -26.03 -18.18
CA VAL C 20 -26.09 -25.54 -19.51
C VAL C 20 -24.61 -25.77 -19.83
N TYR C 21 -23.75 -25.65 -18.82
CA TYR C 21 -22.32 -25.86 -18.99
C TYR C 21 -22.04 -27.30 -19.44
N LYS C 22 -22.67 -28.25 -18.75
CA LYS C 22 -22.60 -29.67 -19.09
C LYS C 22 -23.21 -29.90 -20.46
N PHE C 23 -24.31 -29.20 -20.74
CA PHE C 23 -25.00 -29.30 -22.02
C PHE C 23 -24.14 -28.80 -23.17
N ALA C 24 -23.42 -27.71 -22.93
CA ALA C 24 -22.54 -27.11 -23.92
C ALA C 24 -21.33 -28.00 -24.24
N ARG C 25 -20.86 -28.74 -23.23
CA ARG C 25 -19.76 -29.67 -23.43
C ARG C 25 -20.18 -30.82 -24.33
N LYS C 26 -21.33 -31.42 -24.02
CA LYS C 26 -21.85 -32.59 -24.73
C LYS C 26 -22.19 -32.33 -26.20
N HIS C 27 -22.41 -31.07 -26.53
CA HIS C 27 -22.83 -30.68 -27.88
C HIS C 27 -21.78 -29.79 -28.53
N HIS C 28 -20.63 -29.64 -27.85
CA HIS C 28 -19.52 -28.80 -28.29
C HIS C 28 -19.90 -27.35 -28.63
N ILE C 29 -20.75 -26.75 -27.79
CA ILE C 29 -21.16 -25.35 -27.92
C ILE C 29 -20.25 -24.46 -27.07
N THR C 30 -19.82 -23.34 -27.64
CA THR C 30 -19.05 -22.34 -26.92
C THR C 30 -19.95 -21.58 -25.95
N LEU C 31 -19.66 -21.67 -24.67
CA LEU C 31 -20.39 -20.90 -23.66
C LEU C 31 -19.46 -19.93 -22.99
N THR C 32 -19.85 -18.66 -23.00
CA THR C 32 -19.06 -17.61 -22.39
C THR C 32 -19.92 -16.89 -21.34
N ASN C 33 -19.27 -16.12 -20.46
CA ASN C 33 -19.97 -15.43 -19.38
C ASN C 33 -20.41 -14.01 -19.75
N LEU C 34 -19.82 -13.45 -20.79
CA LEU C 34 -20.22 -12.14 -21.27
C LEU C 34 -20.60 -12.20 -22.75
N ILE C 35 -21.52 -11.31 -23.16
CA ILE C 35 -21.94 -11.24 -24.55
C ILE C 35 -20.85 -10.62 -25.43
N THR C 36 -20.75 -11.13 -26.66
CA THR C 36 -19.84 -10.58 -27.67
C THR C 36 -20.57 -10.41 -29.02
N GLU C 37 -19.86 -9.88 -30.02
CA GLU C 37 -20.37 -9.85 -31.38
C GLU C 37 -20.44 -11.26 -31.94
N GLU C 38 -19.48 -12.10 -31.55
CA GLU C 38 -19.41 -13.49 -32.00
C GLU C 38 -20.49 -14.38 -31.37
N THR C 39 -21.13 -13.91 -30.32
CA THR C 39 -22.21 -14.65 -29.65
C THR C 39 -23.43 -14.81 -30.55
N THR C 40 -23.99 -16.03 -30.60
CA THR C 40 -25.19 -16.30 -31.41
C THR C 40 -26.46 -16.51 -30.59
N HIS C 41 -26.34 -17.02 -29.37
CA HIS C 41 -27.49 -17.45 -28.57
C HIS C 41 -27.53 -16.85 -27.17
N VAL C 42 -28.64 -16.23 -26.84
CA VAL C 42 -28.88 -15.78 -25.48
C VAL C 42 -29.92 -16.69 -24.84
N VAL C 43 -29.50 -17.42 -23.80
CA VAL C 43 -30.41 -18.34 -23.10
C VAL C 43 -31.04 -17.69 -21.85
N MET C 44 -32.28 -17.23 -22.02
CA MET C 44 -32.99 -16.44 -21.03
C MET C 44 -33.81 -17.34 -20.13
N LYS C 45 -33.81 -17.08 -18.82
CA LYS C 45 -34.72 -17.80 -17.95
C LYS C 45 -36.11 -17.22 -18.17
N THR C 46 -37.06 -18.07 -18.53
CA THR C 46 -38.45 -17.65 -18.71
C THR C 46 -39.41 -18.52 -17.91
N ASP C 47 -40.70 -18.19 -17.99
CA ASP C 47 -41.75 -19.05 -17.48
C ASP C 47 -42.21 -20.01 -18.58
N ALA C 48 -43.36 -20.64 -18.39
CA ALA C 48 -43.93 -21.58 -19.34
C ALA C 48 -44.40 -20.87 -20.61
N GLU C 49 -44.91 -19.66 -20.42
CA GLU C 49 -45.40 -18.85 -21.53
C GLU C 49 -44.29 -18.13 -22.31
N PHE C 50 -43.03 -18.48 -22.02
CA PHE C 50 -41.83 -17.96 -22.69
C PHE C 50 -41.64 -16.47 -22.54
N VAL C 51 -41.83 -16.01 -21.31
CA VAL C 51 -41.71 -14.60 -20.96
C VAL C 51 -40.60 -14.45 -19.91
N CYS C 52 -39.66 -13.54 -20.17
CA CYS C 52 -38.53 -13.30 -19.29
C CYS C 52 -38.56 -11.89 -18.71
N GLU C 53 -37.59 -11.58 -17.84
CA GLU C 53 -37.41 -10.21 -17.38
C GLU C 53 -36.33 -9.52 -18.24
N ARG C 54 -36.26 -8.20 -18.16
CA ARG C 54 -35.33 -7.43 -18.97
C ARG C 54 -33.96 -7.33 -18.33
N THR C 55 -33.00 -8.05 -18.91
CA THR C 55 -31.60 -7.92 -18.53
C THR C 55 -30.83 -7.24 -19.67
N LEU C 56 -29.60 -6.82 -19.40
CA LEU C 56 -28.76 -6.23 -20.45
C LEU C 56 -28.53 -7.24 -21.56
N LYS C 57 -28.24 -8.47 -21.17
CA LYS C 57 -28.07 -9.56 -22.12
C LYS C 57 -29.28 -9.75 -23.01
N TYR C 58 -30.47 -9.49 -22.46
CA TYR C 58 -31.72 -9.58 -23.20
C TYR C 58 -31.89 -8.47 -24.25
N PHE C 59 -31.56 -7.23 -23.85
CA PHE C 59 -31.54 -6.10 -24.76
C PHE C 59 -30.50 -6.29 -25.87
N LEU C 60 -29.31 -6.71 -25.47
CA LEU C 60 -28.20 -6.82 -26.41
C LEU C 60 -28.40 -7.96 -27.40
N GLY C 61 -29.14 -8.97 -26.98
CA GLY C 61 -29.44 -10.11 -27.82
C GLY C 61 -30.39 -9.71 -28.93
N ILE C 62 -31.43 -8.96 -28.55
CA ILE C 62 -32.38 -8.40 -29.52
C ILE C 62 -31.66 -7.43 -30.44
N ALA C 63 -30.98 -6.45 -29.85
CA ALA C 63 -30.22 -5.44 -30.60
C ALA C 63 -29.22 -6.04 -31.59
N GLY C 64 -28.67 -7.20 -31.24
CA GLY C 64 -27.73 -7.90 -32.10
C GLY C 64 -28.38 -8.86 -33.09
N GLY C 65 -29.69 -9.06 -32.93
CA GLY C 65 -30.44 -9.94 -33.80
C GLY C 65 -30.15 -11.40 -33.53
N LYS C 66 -29.67 -11.67 -32.32
CA LYS C 66 -29.26 -12.98 -31.89
C LYS C 66 -30.47 -13.89 -31.61
N TRP C 67 -30.22 -15.16 -31.37
CA TRP C 67 -31.28 -16.05 -30.88
C TRP C 67 -31.48 -15.73 -29.40
N VAL C 68 -32.59 -15.09 -29.05
CA VAL C 68 -32.93 -14.92 -27.65
C VAL C 68 -33.88 -16.04 -27.30
N VAL C 69 -33.39 -17.01 -26.55
CA VAL C 69 -34.03 -18.32 -26.46
C VAL C 69 -34.26 -18.70 -24.99
N SER C 70 -35.42 -19.28 -24.68
CA SER C 70 -35.72 -19.70 -23.31
C SER C 70 -34.81 -20.80 -22.79
N TYR C 71 -34.63 -20.83 -21.46
CA TYR C 71 -33.86 -21.90 -20.81
C TYR C 71 -34.50 -23.29 -20.97
N PHE C 72 -35.82 -23.32 -21.17
CA PHE C 72 -36.54 -24.56 -21.42
C PHE C 72 -36.02 -25.33 -22.64
N TRP C 73 -35.44 -24.60 -23.58
CA TRP C 73 -34.79 -25.18 -24.75
C TRP C 73 -33.68 -26.16 -24.36
N VAL C 74 -32.95 -25.85 -23.29
CA VAL C 74 -31.87 -26.71 -22.83
C VAL C 74 -32.39 -27.91 -22.04
N THR C 75 -33.30 -27.67 -21.09
CA THR C 75 -33.84 -28.76 -20.24
C THR C 75 -34.66 -29.78 -21.03
N GLN C 76 -35.49 -29.31 -21.95
CA GLN C 76 -36.27 -30.19 -22.82
C GLN C 76 -35.40 -30.92 -23.85
N SER C 77 -34.23 -30.37 -24.18
CA SER C 77 -33.27 -31.06 -25.02
C SER C 77 -32.54 -32.13 -24.22
N ILE C 78 -32.40 -31.88 -22.92
CA ILE C 78 -31.76 -32.82 -22.01
C ILE C 78 -32.66 -34.02 -21.69
N LYS C 79 -33.96 -33.75 -21.52
CA LYS C 79 -34.96 -34.80 -21.25
C LYS C 79 -35.30 -35.65 -22.48
N GLU C 80 -35.16 -35.07 -23.67
CA GLU C 80 -35.52 -35.75 -24.91
C GLU C 80 -34.31 -36.30 -25.68
N ARG C 81 -33.11 -36.08 -25.10
CA ARG C 81 -31.84 -36.62 -25.62
C ARG C 81 -31.44 -36.18 -27.05
N LYS C 82 -32.13 -35.16 -27.57
CA LYS C 82 -31.82 -34.58 -28.87
C LYS C 82 -31.76 -33.05 -28.76
N MET C 83 -30.85 -32.40 -29.49
CA MET C 83 -30.77 -30.94 -29.49
C MET C 83 -31.89 -30.32 -30.31
N LEU C 84 -32.94 -29.88 -29.62
CA LEU C 84 -34.17 -29.42 -30.27
C LEU C 84 -34.02 -28.04 -30.89
N ASN C 85 -34.94 -27.71 -31.80
CA ASN C 85 -34.87 -26.48 -32.57
C ASN C 85 -35.18 -25.23 -31.78
N GLU C 86 -34.34 -24.21 -31.96
CA GLU C 86 -34.45 -22.93 -31.26
C GLU C 86 -35.78 -22.20 -31.54
N HIS C 87 -36.35 -22.45 -32.72
CA HIS C 87 -37.58 -21.80 -33.19
C HIS C 87 -38.79 -22.09 -32.30
N ASP C 88 -38.80 -23.29 -31.75
CA ASP C 88 -39.87 -23.71 -30.87
C ASP C 88 -39.74 -23.15 -29.46
N PHE C 89 -38.60 -22.54 -29.16
CA PHE C 89 -38.31 -22.13 -27.78
C PHE C 89 -37.87 -20.67 -27.66
N GLU C 90 -38.06 -19.91 -28.75
CA GLU C 90 -37.74 -18.48 -28.77
C GLU C 90 -38.63 -17.77 -27.76
N VAL C 91 -38.06 -16.85 -26.99
CA VAL C 91 -38.84 -16.09 -26.02
C VAL C 91 -39.87 -15.24 -26.75
N ARG C 92 -41.06 -15.18 -26.18
CA ARG C 92 -42.21 -14.58 -26.83
C ARG C 92 -42.45 -13.16 -26.35
N GLY C 93 -41.61 -12.67 -25.43
CA GLY C 93 -41.75 -11.32 -24.88
C GLY C 93 -41.28 -11.16 -23.43
N ASP C 94 -41.32 -9.94 -22.92
CA ASP C 94 -40.84 -9.71 -21.57
C ASP C 94 -41.90 -9.13 -20.63
N VAL C 95 -41.64 -9.28 -19.34
CA VAL C 95 -42.58 -8.94 -18.28
C VAL C 95 -42.93 -7.44 -18.17
N VAL C 96 -42.18 -6.58 -18.87
CA VAL C 96 -42.41 -5.14 -18.78
C VAL C 96 -43.10 -4.58 -20.01
N ASN C 97 -42.72 -5.06 -21.19
CA ASN C 97 -43.26 -4.53 -22.44
C ASN C 97 -44.49 -5.26 -23.00
N GLY C 98 -44.42 -6.60 -23.04
CA GLY C 98 -45.57 -7.38 -23.44
C GLY C 98 -45.27 -8.87 -23.38
N ARG C 99 -46.25 -9.67 -23.00
CA ARG C 99 -46.04 -11.11 -22.93
C ARG C 99 -46.01 -11.81 -24.30
N ASN C 100 -46.46 -11.11 -25.35
CA ASN C 100 -46.53 -11.71 -26.68
C ASN C 100 -45.96 -10.90 -27.84
N HIS C 101 -45.32 -9.76 -27.55
CA HIS C 101 -44.61 -9.01 -28.58
C HIS C 101 -43.45 -9.86 -29.08
N GLN C 102 -43.32 -10.03 -30.39
CA GLN C 102 -42.29 -10.96 -30.85
C GLN C 102 -40.94 -10.30 -31.16
N GLY C 103 -40.61 -9.28 -30.37
CA GLY C 103 -39.36 -8.51 -30.48
C GLY C 103 -38.11 -9.25 -30.91
N PRO C 104 -37.68 -10.25 -30.13
CA PRO C 104 -36.62 -11.19 -30.53
C PRO C 104 -36.71 -11.72 -31.98
N LYS C 105 -37.86 -12.25 -32.40
CA LYS C 105 -38.01 -12.77 -33.77
C LYS C 105 -38.06 -11.65 -34.81
N ARG C 106 -38.66 -10.53 -34.44
CA ARG C 106 -38.76 -9.36 -35.32
C ARG C 106 -37.38 -8.70 -35.53
N ALA C 107 -36.48 -8.90 -34.58
CA ALA C 107 -35.12 -8.40 -34.72
C ALA C 107 -34.28 -9.30 -35.63
N ARG C 108 -34.57 -10.61 -35.62
CA ARG C 108 -33.89 -11.56 -36.49
C ARG C 108 -34.36 -11.35 -37.92
N GLU C 109 -35.65 -11.13 -38.07
CA GLU C 109 -36.28 -11.01 -39.38
C GLU C 109 -35.97 -9.67 -40.04
N SER C 110 -35.78 -8.64 -39.22
CA SER C 110 -35.51 -7.30 -39.72
C SER C 110 -34.11 -6.80 -39.39
N GLN C 111 -33.16 -7.12 -40.27
CA GLN C 111 -31.79 -6.65 -40.11
C GLN C 111 -31.44 -5.67 -41.23
N ASP C 112 -32.06 -5.88 -42.39
CA ASP C 112 -31.98 -4.93 -43.50
C ASP C 112 -32.57 -3.59 -43.08
N ARG C 113 -33.71 -3.64 -42.39
CA ARG C 113 -34.30 -2.47 -41.77
C ARG C 113 -34.07 -2.54 -40.26
N LYS C 114 -33.29 -1.59 -39.73
CA LYS C 114 -33.01 -1.50 -38.28
C LYS C 114 -33.75 -0.30 -37.68
N ILE C 115 -34.04 -0.38 -36.38
CA ILE C 115 -34.98 0.56 -35.76
C ILE C 115 -34.53 2.01 -35.59
N PHE C 116 -33.23 2.24 -35.34
CA PHE C 116 -32.72 3.61 -35.23
C PHE C 116 -32.02 4.08 -36.51
N ARG C 117 -32.43 3.51 -37.64
CA ARG C 117 -31.83 3.70 -38.97
C ARG C 117 -31.06 5.00 -39.23
N GLY C 118 -31.74 6.14 -39.10
CA GLY C 118 -31.12 7.44 -39.38
C GLY C 118 -31.20 8.40 -38.22
N LEU C 119 -30.71 7.97 -37.05
CA LEU C 119 -30.76 8.79 -35.85
C LEU C 119 -29.37 9.08 -35.26
N GLU C 120 -29.26 10.23 -34.61
CA GLU C 120 -28.06 10.59 -33.85
C GLU C 120 -28.44 10.64 -32.37
N ILE C 121 -27.78 9.83 -31.55
CA ILE C 121 -28.10 9.82 -30.12
C ILE C 121 -26.90 10.24 -29.29
N CYS C 122 -27.12 11.29 -28.50
CA CYS C 122 -26.15 11.80 -27.54
C CYS C 122 -26.72 11.59 -26.15
N CYS C 123 -26.07 10.72 -25.38
CA CYS C 123 -26.44 10.50 -24.00
C CYS C 123 -25.95 11.67 -23.17
N TYR C 124 -26.76 12.07 -22.19
CA TYR C 124 -26.45 13.25 -21.39
C TYR C 124 -26.66 13.02 -19.90
N GLY C 125 -25.67 13.46 -19.11
CA GLY C 125 -25.74 13.42 -17.66
C GLY C 125 -25.36 12.10 -17.01
N PRO C 126 -25.68 11.96 -15.72
CA PRO C 126 -25.46 10.71 -14.97
C PRO C 126 -26.34 9.55 -15.42
N PHE C 127 -25.80 8.33 -15.28
CA PHE C 127 -26.49 7.08 -15.63
C PHE C 127 -26.14 6.01 -14.58
N THR C 128 -27.12 5.20 -14.16
CA THR C 128 -26.91 4.32 -13.00
C THR C 128 -26.70 2.84 -13.26
N ASN C 129 -27.75 2.13 -13.64
CA ASN C 129 -27.74 0.68 -13.52
C ASN C 129 -27.09 -0.05 -14.69
N MET C 130 -27.11 0.61 -15.84
CA MET C 130 -26.53 0.07 -17.06
C MET C 130 -25.31 0.91 -17.39
N PRO C 131 -24.20 0.28 -17.75
CA PRO C 131 -23.01 1.03 -18.17
C PRO C 131 -23.35 1.80 -19.42
N THR C 132 -22.84 3.03 -19.52
CA THR C 132 -23.15 3.91 -20.63
C THR C 132 -22.71 3.27 -21.94
N ASP C 133 -21.46 2.79 -21.97
CA ASP C 133 -20.88 2.16 -23.15
C ASP C 133 -21.73 1.01 -23.67
N GLN C 134 -22.35 0.26 -22.76
CA GLN C 134 -23.26 -0.81 -23.14
C GLN C 134 -24.55 -0.28 -23.79
N LEU C 135 -25.07 0.81 -23.25
CA LEU C 135 -26.26 1.41 -23.82
C LEU C 135 -25.94 2.00 -25.19
N GLU C 136 -24.78 2.66 -25.28
CA GLU C 136 -24.28 3.23 -26.53
C GLU C 136 -24.12 2.15 -27.59
N TRP C 137 -23.47 1.05 -27.23
CA TRP C 137 -23.29 -0.11 -28.12
C TRP C 137 -24.61 -0.67 -28.61
N MET C 138 -25.59 -0.76 -27.71
CA MET C 138 -26.92 -1.27 -28.03
C MET C 138 -27.57 -0.38 -29.08
N VAL C 139 -27.44 0.93 -28.86
CA VAL C 139 -27.95 1.93 -29.78
C VAL C 139 -27.21 1.86 -31.11
N GLN C 140 -25.91 1.51 -31.06
CA GLN C 140 -25.08 1.35 -32.26
C GLN C 140 -25.48 0.12 -33.06
N LEU C 141 -25.93 -0.91 -32.34
CA LEU C 141 -26.36 -2.17 -32.94
C LEU C 141 -27.62 -1.98 -33.79
N CYS C 142 -28.54 -1.19 -33.28
CA CYS C 142 -29.79 -0.89 -33.96
C CYS C 142 -29.60 0.21 -35.01
N GLY C 143 -28.34 0.50 -35.33
CA GLY C 143 -27.98 1.34 -36.46
C GLY C 143 -28.11 2.83 -36.24
N ALA C 144 -27.59 3.31 -35.12
CA ALA C 144 -27.59 4.74 -34.82
C ALA C 144 -26.17 5.31 -34.77
N SER C 145 -26.09 6.64 -34.81
CA SER C 145 -24.82 7.33 -34.63
C SER C 145 -24.72 7.78 -33.18
N VAL C 146 -23.64 7.38 -32.52
CA VAL C 146 -23.42 7.76 -31.13
C VAL C 146 -22.55 8.99 -31.09
N VAL C 147 -23.09 10.03 -30.46
CA VAL C 147 -22.45 11.33 -30.38
C VAL C 147 -21.98 11.52 -28.93
N LYS C 148 -20.72 11.91 -28.76
CA LYS C 148 -20.10 12.04 -27.45
C LYS C 148 -20.43 13.34 -26.71
N GLU C 149 -20.57 14.44 -27.44
CA GLU C 149 -20.85 15.75 -26.84
C GLU C 149 -22.04 16.45 -27.52
N LEU C 150 -22.72 17.31 -26.76
CA LEU C 150 -23.94 17.98 -27.21
C LEU C 150 -23.79 18.86 -28.45
N SER C 151 -22.61 19.44 -28.62
CA SER C 151 -22.33 20.30 -29.78
C SER C 151 -21.88 19.51 -31.01
N SER C 152 -21.58 18.22 -30.82
CA SER C 152 -21.07 17.36 -31.88
C SER C 152 -22.16 16.67 -32.73
N PHE C 153 -23.40 17.15 -32.61
CA PHE C 153 -24.51 16.74 -33.45
C PHE C 153 -24.31 17.25 -34.86
N THR C 154 -24.79 16.49 -35.85
CA THR C 154 -24.72 16.92 -37.25
C THR C 154 -26.06 17.50 -37.74
N HIS C 160 -31.62 13.52 -37.88
CA HIS C 160 -32.47 13.78 -36.72
C HIS C 160 -31.79 13.41 -35.40
N PRO C 161 -31.41 14.43 -34.62
CA PRO C 161 -30.72 14.24 -33.33
C PRO C 161 -31.66 13.95 -32.16
N ILE C 162 -31.20 13.12 -31.22
CA ILE C 162 -31.99 12.71 -30.05
C ILE C 162 -31.12 12.76 -28.78
N VAL C 163 -31.65 13.37 -27.71
CA VAL C 163 -30.94 13.45 -26.44
C VAL C 163 -31.54 12.46 -25.42
N VAL C 164 -30.69 11.56 -24.92
CA VAL C 164 -31.13 10.51 -24.02
C VAL C 164 -30.60 10.75 -22.60
N VAL C 165 -31.53 10.73 -21.65
CA VAL C 165 -31.26 11.14 -20.28
C VAL C 165 -31.90 10.16 -19.31
N GLN C 166 -31.27 9.94 -18.16
CA GLN C 166 -31.91 9.26 -17.04
C GLN C 166 -32.25 10.27 -15.95
N PRO C 167 -33.53 10.60 -15.79
CA PRO C 167 -33.98 11.67 -14.90
C PRO C 167 -33.74 11.40 -13.42
N ASP C 168 -33.91 10.16 -12.97
CA ASP C 168 -33.78 9.81 -11.55
C ASP C 168 -32.34 9.86 -11.05
N ALA C 169 -31.38 9.72 -11.98
CA ALA C 169 -29.95 9.75 -11.67
C ALA C 169 -29.39 11.15 -11.40
N TRP C 170 -30.14 12.18 -11.79
CA TRP C 170 -29.72 13.56 -11.52
C TRP C 170 -29.96 13.92 -10.05
N THR C 171 -29.14 14.81 -9.51
CA THR C 171 -29.25 15.22 -8.12
C THR C 171 -29.72 16.67 -8.03
N PHE C 176 -31.64 18.95 -15.96
CA PHE C 176 -32.27 18.00 -16.90
C PHE C 176 -33.38 18.68 -17.69
N HIS C 177 -33.75 19.89 -17.28
CA HIS C 177 -34.77 20.66 -17.96
C HIS C 177 -34.18 21.84 -18.71
N ALA C 178 -32.85 21.99 -18.61
CA ALA C 178 -32.13 23.09 -19.24
C ALA C 178 -31.31 22.64 -20.45
N ILE C 179 -31.69 21.50 -21.02
CA ILE C 179 -31.02 20.99 -22.23
C ILE C 179 -31.54 21.68 -23.48
N GLY C 180 -32.77 22.22 -23.40
CA GLY C 180 -33.38 22.95 -24.51
C GLY C 180 -32.68 24.25 -24.84
N GLN C 181 -31.99 24.82 -23.85
CA GLN C 181 -31.25 26.08 -24.00
C GLN C 181 -29.99 25.94 -24.87
N MET C 182 -29.30 24.81 -24.76
CA MET C 182 -28.01 24.59 -25.41
C MET C 182 -28.12 24.14 -26.87
N CYS C 183 -29.15 23.35 -27.18
CA CYS C 183 -29.38 22.87 -28.55
C CYS C 183 -30.86 22.59 -28.83
N GLU C 184 -31.17 22.42 -30.12
CA GLU C 184 -32.54 22.14 -30.57
C GLU C 184 -32.73 20.66 -30.95
N ALA C 185 -32.93 19.82 -29.94
CA ALA C 185 -33.18 18.39 -30.11
C ALA C 185 -34.06 17.88 -28.97
N PRO C 186 -34.91 16.89 -29.23
CA PRO C 186 -35.79 16.32 -28.19
C PRO C 186 -35.03 15.65 -27.05
N VAL C 187 -35.54 15.78 -25.83
CA VAL C 187 -34.93 15.14 -24.68
C VAL C 187 -35.85 14.06 -24.14
N VAL C 188 -35.51 12.81 -24.45
CA VAL C 188 -36.30 11.68 -24.01
C VAL C 188 -35.59 10.96 -22.90
N THR C 189 -36.36 10.21 -22.13
CA THR C 189 -35.80 9.36 -21.10
C THR C 189 -35.14 8.13 -21.75
N ARG C 190 -34.19 7.56 -21.03
CA ARG C 190 -33.50 6.32 -21.40
C ARG C 190 -34.47 5.18 -21.68
N GLU C 191 -35.67 5.27 -21.10
CA GLU C 191 -36.71 4.26 -21.26
C GLU C 191 -37.17 4.08 -22.70
N TRP C 192 -37.04 5.15 -23.50
CA TRP C 192 -37.32 5.09 -24.93
C TRP C 192 -36.42 4.08 -25.62
N VAL C 193 -35.11 4.22 -25.42
CA VAL C 193 -34.13 3.29 -25.97
C VAL C 193 -34.48 1.84 -25.66
N LEU C 194 -34.67 1.55 -24.38
CA LEU C 194 -34.93 0.20 -23.87
C LEU C 194 -36.23 -0.39 -24.39
N ASP C 195 -37.32 0.37 -24.28
CA ASP C 195 -38.61 -0.06 -24.81
C ASP C 195 -38.53 -0.30 -26.31
N SER C 196 -37.83 0.59 -27.01
CA SER C 196 -37.68 0.50 -28.46
C SER C 196 -36.91 -0.73 -28.87
N VAL C 197 -35.87 -1.06 -28.10
CA VAL C 197 -35.05 -2.21 -28.40
C VAL C 197 -35.82 -3.50 -28.11
N ALA C 198 -36.35 -3.61 -26.89
CA ALA C 198 -37.10 -4.81 -26.48
C ALA C 198 -38.20 -5.23 -27.45
N LEU C 199 -39.01 -4.24 -27.86
CA LEU C 199 -40.11 -4.45 -28.82
C LEU C 199 -39.63 -4.53 -30.27
N TYR C 200 -38.38 -4.14 -30.49
CA TYR C 200 -37.79 -3.89 -31.82
C TYR C 200 -38.70 -3.11 -32.76
N GLN C 201 -39.19 -1.99 -32.24
CA GLN C 201 -39.93 -0.99 -33.01
C GLN C 201 -39.66 0.37 -32.38
N CYS C 202 -39.25 1.33 -33.21
CA CYS C 202 -38.91 2.67 -32.76
C CYS C 202 -40.16 3.36 -32.22
N GLN C 203 -40.16 3.60 -30.91
CA GLN C 203 -41.31 4.18 -30.24
C GLN C 203 -41.41 5.68 -30.45
N GLU C 204 -42.64 6.17 -30.56
CA GLU C 204 -42.91 7.60 -30.68
C GLU C 204 -42.41 8.31 -29.43
N LEU C 205 -41.60 9.34 -29.63
CA LEU C 205 -40.96 10.10 -28.56
C LEU C 205 -41.99 10.71 -27.58
N ASP C 206 -43.12 11.14 -28.16
CA ASP C 206 -44.31 11.62 -27.45
C ASP C 206 -44.37 11.25 -25.95
N THR C 207 -44.44 9.93 -25.66
CA THR C 207 -44.66 9.44 -24.29
C THR C 207 -43.41 9.56 -23.44
N TYR C 208 -42.24 9.49 -24.07
CA TYR C 208 -41.00 9.47 -23.29
C TYR C 208 -40.45 10.87 -23.03
N LEU C 209 -40.80 11.82 -23.92
CA LEU C 209 -40.31 13.22 -23.93
C LEU C 209 -40.35 13.95 -22.59
N ILE C 210 -39.19 14.49 -22.19
CA ILE C 210 -39.13 15.35 -20.99
C ILE C 210 -39.35 16.80 -21.39
N PRO C 211 -40.39 17.40 -20.80
CA PRO C 211 -40.78 18.77 -21.16
C PRO C 211 -39.58 19.68 -20.91
N GLN C 212 -39.18 20.42 -21.94
CA GLN C 212 -38.24 21.49 -21.67
C GLN C 212 -39.00 22.73 -21.18
N ILE C 213 -38.37 23.43 -20.24
CA ILE C 213 -38.69 24.82 -20.01
C ILE C 213 -38.15 25.55 -21.27
N PRO C 214 -38.83 26.61 -21.70
CA PRO C 214 -38.32 27.41 -22.82
C PRO C 214 -37.21 28.36 -22.35
N ASN D 2 9.10 -5.57 25.87
CA ASN D 2 10.54 -5.73 26.02
C ASN D 2 10.96 -7.20 26.12
N LYS D 3 12.08 -7.53 25.47
CA LYS D 3 12.62 -8.90 25.45
C LYS D 3 14.15 -8.89 25.26
N ARG D 4 14.86 -8.38 26.27
CA ARG D 4 16.32 -8.43 26.33
C ARG D 4 16.81 -9.87 26.24
N MET D 5 17.90 -10.08 25.49
CA MET D 5 18.46 -11.42 25.28
C MET D 5 19.00 -12.09 26.54
N SER D 6 18.29 -13.11 27.01
CA SER D 6 18.64 -13.85 28.22
C SER D 6 18.60 -15.34 27.94
N MET D 7 19.65 -16.04 28.35
CA MET D 7 19.84 -17.43 27.93
C MET D 7 19.77 -18.43 29.06
N VAL D 8 19.44 -19.65 28.68
CA VAL D 8 19.38 -20.78 29.59
C VAL D 8 19.80 -22.01 28.80
N VAL D 9 20.44 -22.96 29.47
CA VAL D 9 21.13 -24.03 28.78
C VAL D 9 20.58 -25.39 29.23
N SER D 10 20.68 -26.41 28.38
CA SER D 10 20.08 -27.71 28.70
C SER D 10 20.80 -28.94 28.15
N GLY D 11 21.07 -29.90 29.03
CA GLY D 11 21.74 -31.14 28.66
C GLY D 11 23.22 -30.98 28.45
N LEU D 12 23.78 -29.91 29.01
CA LEU D 12 25.20 -29.60 28.83
C LEU D 12 26.03 -30.05 30.01
N THR D 13 27.19 -30.65 29.73
CA THR D 13 28.18 -30.97 30.75
C THR D 13 28.76 -29.65 31.31
N PRO D 14 29.24 -29.63 32.55
CA PRO D 14 29.84 -28.42 33.15
C PRO D 14 30.87 -27.69 32.26
N GLU D 15 31.74 -28.43 31.58
CA GLU D 15 32.70 -27.83 30.65
C GLU D 15 32.04 -27.27 29.38
N GLU D 16 30.92 -27.86 28.96
CA GLU D 16 30.15 -27.33 27.84
C GLU D 16 29.41 -26.06 28.23
N PHE D 17 28.91 -26.04 29.46
CA PHE D 17 28.24 -24.87 30.03
C PHE D 17 29.23 -23.73 30.20
N MET D 18 30.47 -24.07 30.54
CA MET D 18 31.56 -23.11 30.67
C MET D 18 31.85 -22.37 29.37
N LEU D 19 31.68 -23.08 28.25
CA LEU D 19 31.91 -22.51 26.93
C LEU D 19 30.88 -21.45 26.59
N VAL D 20 29.63 -21.72 26.96
CA VAL D 20 28.53 -20.77 26.78
C VAL D 20 28.75 -19.53 27.66
N TYR D 21 29.19 -19.74 28.89
CA TYR D 21 29.46 -18.66 29.84
C TYR D 21 30.38 -17.63 29.20
N LYS D 22 31.52 -18.12 28.71
CA LYS D 22 32.53 -17.30 28.02
C LYS D 22 31.94 -16.60 26.80
N PHE D 23 31.15 -17.35 26.02
CA PHE D 23 30.47 -16.86 24.83
C PHE D 23 29.44 -15.78 25.15
N ALA D 24 28.73 -15.97 26.27
CA ALA D 24 27.75 -14.99 26.74
C ALA D 24 28.42 -13.70 27.18
N ARG D 25 29.54 -13.85 27.88
CA ARG D 25 30.32 -12.72 28.39
C ARG D 25 30.93 -11.88 27.28
N LYS D 26 31.30 -12.55 26.18
CA LYS D 26 31.92 -11.89 25.03
C LYS D 26 30.95 -10.98 24.28
N HIS D 27 29.67 -11.37 24.25
CA HIS D 27 28.65 -10.65 23.49
C HIS D 27 27.65 -9.90 24.37
N HIS D 28 27.87 -9.95 25.68
CA HIS D 28 27.00 -9.33 26.68
C HIS D 28 25.57 -9.85 26.65
N ILE D 29 25.45 -11.18 26.59
CA ILE D 29 24.17 -11.85 26.71
C ILE D 29 24.08 -12.38 28.13
N THR D 30 22.92 -12.18 28.76
CA THR D 30 22.63 -12.75 30.05
C THR D 30 22.49 -14.26 29.90
N LEU D 31 23.12 -15.00 30.80
CA LEU D 31 22.97 -16.46 30.90
C LEU D 31 22.73 -16.78 32.37
N THR D 32 21.64 -17.48 32.64
CA THR D 32 21.32 -17.84 34.02
C THR D 32 21.30 -19.35 34.19
N ASN D 33 21.05 -19.80 35.40
CA ASN D 33 20.89 -21.22 35.69
C ASN D 33 19.43 -21.67 35.62
N LEU D 34 18.51 -20.73 35.80
CA LEU D 34 17.10 -21.08 35.84
C LEU D 34 16.29 -20.39 34.77
N ILE D 35 15.35 -21.13 34.18
CA ILE D 35 14.42 -20.56 33.21
C ILE D 35 13.47 -19.58 33.90
N THR D 36 13.43 -18.35 33.39
CA THR D 36 12.53 -17.31 33.92
C THR D 36 11.52 -16.83 32.87
N GLU D 37 10.65 -15.92 33.29
CA GLU D 37 9.64 -15.34 32.40
C GLU D 37 10.26 -14.32 31.44
N GLU D 38 11.45 -13.85 31.78
CA GLU D 38 12.17 -12.91 30.94
C GLU D 38 13.21 -13.59 30.05
N THR D 39 13.30 -14.92 30.13
CA THR D 39 14.23 -15.72 29.31
C THR D 39 13.77 -15.70 27.88
N THR D 40 14.71 -15.68 26.95
CA THR D 40 14.39 -15.70 25.52
C THR D 40 14.96 -16.92 24.80
N HIS D 41 16.07 -17.45 25.28
CA HIS D 41 16.76 -18.54 24.59
C HIS D 41 16.99 -19.75 25.49
N VAL D 42 16.57 -20.91 25.00
CA VAL D 42 16.87 -22.17 25.67
C VAL D 42 17.81 -22.94 24.75
N VAL D 43 19.05 -23.11 25.20
CA VAL D 43 20.09 -23.75 24.40
C VAL D 43 20.27 -25.24 24.74
N MET D 44 19.73 -26.09 23.88
CA MET D 44 19.72 -27.54 24.08
C MET D 44 20.94 -28.21 23.49
N LYS D 45 21.40 -29.28 24.13
CA LYS D 45 22.39 -30.19 23.57
C LYS D 45 21.69 -31.11 22.57
N THR D 46 22.09 -31.04 21.31
CA THR D 46 21.49 -31.89 20.29
C THR D 46 22.55 -32.67 19.53
N ASP D 47 22.11 -33.53 18.61
CA ASP D 47 23.03 -34.19 17.68
C ASP D 47 23.23 -33.30 16.45
N ALA D 48 23.89 -33.83 15.43
CA ALA D 48 24.17 -33.08 14.21
C ALA D 48 22.92 -32.66 13.44
N GLU D 49 21.84 -33.42 13.61
CA GLU D 49 20.58 -33.13 12.94
C GLU D 49 19.60 -32.40 13.86
N PHE D 50 20.14 -31.67 14.84
CA PHE D 50 19.39 -30.79 15.78
C PHE D 50 18.32 -31.45 16.66
N VAL D 51 18.50 -32.74 16.97
CA VAL D 51 17.52 -33.50 17.73
C VAL D 51 17.95 -33.68 19.20
N CYS D 52 17.14 -33.21 20.14
CA CYS D 52 17.50 -33.29 21.56
C CYS D 52 16.64 -34.25 22.39
N GLU D 53 17.02 -34.42 23.66
CA GLU D 53 16.23 -35.18 24.63
C GLU D 53 15.19 -34.22 25.22
N ARG D 54 14.18 -34.76 25.87
CA ARG D 54 13.12 -33.93 26.46
C ARG D 54 13.47 -33.61 27.88
N THR D 55 13.76 -32.34 28.15
CA THR D 55 13.99 -31.88 29.52
C THR D 55 12.88 -30.92 29.90
N LEU D 56 12.89 -30.48 31.16
CA LEU D 56 11.87 -29.55 31.64
C LEU D 56 12.00 -28.21 30.94
N LYS D 57 13.23 -27.70 30.87
CA LYS D 57 13.56 -26.50 30.11
C LYS D 57 13.13 -26.59 28.63
N TYR D 58 13.26 -27.79 28.04
CA TYR D 58 12.87 -28.03 26.66
C TYR D 58 11.38 -27.84 26.47
N PHE D 59 10.59 -28.36 27.42
CA PHE D 59 9.14 -28.21 27.40
C PHE D 59 8.75 -26.76 27.61
N LEU D 60 9.37 -26.13 28.62
CA LEU D 60 9.01 -24.78 29.01
C LEU D 60 9.47 -23.73 28.02
N GLY D 61 10.45 -24.07 27.19
CA GLY D 61 10.90 -23.18 26.13
C GLY D 61 9.88 -23.15 25.02
N ILE D 62 9.41 -24.35 24.65
CA ILE D 62 8.40 -24.50 23.60
C ILE D 62 7.09 -23.87 24.07
N ALA D 63 6.60 -24.30 25.23
CA ALA D 63 5.38 -23.75 25.82
C ALA D 63 5.48 -22.25 26.08
N GLY D 64 6.68 -21.80 26.40
CA GLY D 64 6.96 -20.38 26.62
C GLY D 64 6.99 -19.60 25.33
N GLY D 65 7.26 -20.29 24.22
CA GLY D 65 7.32 -19.65 22.92
C GLY D 65 8.62 -18.93 22.76
N LYS D 66 9.64 -19.44 23.44
CA LYS D 66 10.98 -18.91 23.40
C LYS D 66 11.71 -19.51 22.21
N TRP D 67 12.88 -18.95 21.87
CA TRP D 67 13.75 -19.56 20.90
C TRP D 67 14.37 -20.78 21.55
N VAL D 68 14.15 -21.94 20.95
CA VAL D 68 14.77 -23.17 21.45
C VAL D 68 15.77 -23.61 20.38
N VAL D 69 17.03 -23.57 20.75
CA VAL D 69 18.10 -23.54 19.77
C VAL D 69 19.21 -24.53 20.16
N SER D 70 19.88 -25.11 19.17
CA SER D 70 20.90 -26.11 19.43
C SER D 70 22.15 -25.54 20.09
N TYR D 71 22.92 -26.41 20.74
CA TYR D 71 24.21 -26.07 21.33
C TYR D 71 25.23 -25.73 20.23
N PHE D 72 25.01 -26.29 19.03
CA PHE D 72 25.87 -26.02 17.89
C PHE D 72 25.85 -24.56 17.43
N TRP D 73 24.80 -23.83 17.79
CA TRP D 73 24.73 -22.39 17.57
C TRP D 73 25.88 -21.67 18.27
N VAL D 74 26.13 -22.05 19.52
CA VAL D 74 27.24 -21.51 20.31
C VAL D 74 28.60 -21.90 19.69
N THR D 75 28.80 -23.20 19.46
CA THR D 75 30.10 -23.72 19.05
C THR D 75 30.52 -23.27 17.64
N GLN D 76 29.56 -23.04 16.76
CA GLN D 76 29.88 -22.56 15.42
C GLN D 76 30.02 -21.04 15.32
N SER D 77 29.40 -20.33 16.26
CA SER D 77 29.62 -18.89 16.40
C SER D 77 31.00 -18.61 17.00
N ILE D 78 31.47 -19.56 17.79
CA ILE D 78 32.80 -19.52 18.36
C ILE D 78 33.83 -19.90 17.29
N LYS D 79 33.40 -20.72 16.32
CA LYS D 79 34.27 -21.18 15.25
C LYS D 79 34.37 -20.18 14.10
N GLU D 80 33.45 -19.23 14.04
CA GLU D 80 33.44 -18.23 12.97
C GLU D 80 33.75 -16.83 13.47
N ARG D 81 33.87 -16.68 14.79
CA ARG D 81 34.17 -15.43 15.51
C ARG D 81 33.07 -14.36 15.42
N LYS D 82 31.87 -14.77 14.98
CA LYS D 82 30.75 -13.86 14.83
C LYS D 82 29.49 -14.57 15.26
N MET D 83 28.59 -13.82 15.90
CA MET D 83 27.35 -14.37 16.41
C MET D 83 26.38 -14.65 15.26
N LEU D 84 26.17 -15.94 14.99
CA LEU D 84 25.35 -16.40 13.89
C LEU D 84 23.86 -16.28 14.19
N ASN D 85 23.03 -16.47 13.16
CA ASN D 85 21.59 -16.39 13.28
C ASN D 85 20.99 -17.61 13.97
N GLU D 86 20.10 -17.37 14.92
CA GLU D 86 19.41 -18.44 15.66
C GLU D 86 18.45 -19.20 14.77
N HIS D 87 17.96 -18.53 13.72
CA HIS D 87 17.01 -19.07 12.75
C HIS D 87 17.50 -20.36 12.11
N ASP D 88 18.79 -20.38 11.75
CA ASP D 88 19.41 -21.54 11.10
C ASP D 88 20.04 -22.52 12.10
N PHE D 89 19.56 -22.47 13.35
CA PHE D 89 20.09 -23.34 14.40
C PHE D 89 19.00 -23.77 15.39
N GLU D 90 17.75 -23.53 15.02
CA GLU D 90 16.60 -23.95 15.83
C GLU D 90 16.52 -25.47 15.87
N VAL D 91 16.15 -26.03 17.03
CA VAL D 91 15.99 -27.49 17.14
C VAL D 91 14.81 -28.00 16.32
N ARG D 92 15.10 -29.01 15.51
CA ARG D 92 14.16 -29.50 14.52
C ARG D 92 13.26 -30.59 15.08
N GLY D 93 13.44 -30.96 16.35
CA GLY D 93 12.64 -32.00 16.97
C GLY D 93 13.32 -32.67 18.14
N ASP D 94 12.65 -33.68 18.71
CA ASP D 94 13.22 -34.41 19.85
C ASP D 94 13.28 -35.94 19.72
N VAL D 95 13.93 -36.55 20.71
CA VAL D 95 14.26 -37.96 20.68
C VAL D 95 13.06 -38.89 20.91
N VAL D 96 11.95 -38.36 21.41
CA VAL D 96 10.75 -39.15 21.67
C VAL D 96 9.67 -38.95 20.61
N ASN D 97 9.34 -37.69 20.35
CA ASN D 97 8.22 -37.35 19.46
C ASN D 97 8.56 -37.55 18.00
N GLY D 98 9.63 -36.90 17.53
CA GLY D 98 10.05 -37.03 16.15
C GLY D 98 11.31 -36.26 15.85
N ARG D 99 12.08 -36.76 14.88
CA ARG D 99 13.34 -36.12 14.50
C ARG D 99 13.13 -34.83 13.70
N ASN D 100 11.89 -34.57 13.28
CA ASN D 100 11.64 -33.51 12.31
C ASN D 100 10.42 -32.60 12.51
N HIS D 101 9.69 -32.78 13.62
CA HIS D 101 8.58 -31.89 13.96
C HIS D 101 9.09 -30.50 14.30
N GLN D 102 8.55 -29.48 13.66
CA GLN D 102 9.03 -28.13 13.89
C GLN D 102 8.28 -27.50 15.05
N GLY D 103 8.22 -28.21 16.18
CA GLY D 103 7.53 -27.80 17.39
C GLY D 103 7.89 -26.43 17.96
N PRO D 104 9.16 -26.22 18.33
CA PRO D 104 9.63 -24.89 18.75
C PRO D 104 9.24 -23.77 17.80
N LYS D 105 9.50 -23.96 16.51
CA LYS D 105 9.13 -22.98 15.49
C LYS D 105 7.62 -22.75 15.48
N ARG D 106 6.86 -23.85 15.48
CA ARG D 106 5.39 -23.84 15.52
C ARG D 106 4.88 -23.04 16.70
N ALA D 107 5.63 -23.08 17.80
CA ALA D 107 5.24 -22.46 19.04
C ALA D 107 5.45 -20.94 19.07
N ARG D 108 6.54 -20.47 18.48
CA ARG D 108 6.78 -19.02 18.41
C ARG D 108 5.97 -18.38 17.28
N GLU D 109 5.66 -19.18 16.26
CA GLU D 109 4.81 -18.72 15.16
C GLU D 109 3.35 -18.61 15.61
N SER D 110 2.83 -19.69 16.22
CA SER D 110 1.45 -19.72 16.72
C SER D 110 1.37 -19.34 18.19
N GLN D 111 1.30 -18.05 18.46
CA GLN D 111 1.16 -17.55 19.83
C GLN D 111 -0.22 -16.92 20.02
N ASP D 112 -0.80 -16.46 18.91
CA ASP D 112 -2.18 -15.98 18.88
C ASP D 112 -3.13 -17.14 19.22
N ARG D 113 -2.95 -18.26 18.52
CA ARG D 113 -3.62 -19.51 18.88
C ARG D 113 -2.71 -20.30 19.82
N LYS D 114 -3.29 -20.79 20.91
CA LYS D 114 -2.57 -21.62 21.89
C LYS D 114 -3.24 -22.99 21.94
N ILE D 115 -2.45 -24.04 22.15
CA ILE D 115 -2.92 -25.42 21.94
C ILE D 115 -4.02 -25.91 22.89
N PHE D 116 -3.94 -25.53 24.16
CA PHE D 116 -4.96 -25.89 25.15
C PHE D 116 -5.96 -24.74 25.36
N ARG D 117 -6.20 -23.97 24.29
CA ARG D 117 -6.97 -22.72 24.26
C ARG D 117 -8.11 -22.55 25.27
N GLY D 118 -9.02 -23.54 25.31
CA GLY D 118 -10.18 -23.46 26.16
C GLY D 118 -10.45 -24.76 26.90
N LEU D 119 -9.43 -25.26 27.59
CA LEU D 119 -9.54 -26.51 28.33
C LEU D 119 -9.35 -26.30 29.83
N GLU D 120 -9.90 -27.22 30.60
CA GLU D 120 -9.74 -27.21 32.05
C GLU D 120 -8.98 -28.46 32.45
N ILE D 121 -7.73 -28.26 32.87
CA ILE D 121 -6.85 -29.37 33.24
C ILE D 121 -6.69 -29.51 34.76
N CYS D 122 -6.93 -30.72 35.26
CA CYS D 122 -6.75 -31.02 36.68
C CYS D 122 -5.78 -32.18 36.85
N CYS D 123 -4.69 -31.93 37.54
CA CYS D 123 -3.72 -32.97 37.84
C CYS D 123 -4.15 -33.75 39.06
N TYR D 124 -4.21 -35.07 38.91
CA TYR D 124 -4.72 -35.94 39.97
C TYR D 124 -3.70 -36.99 40.37
N GLY D 125 -3.64 -37.25 41.68
CA GLY D 125 -2.81 -38.31 42.22
C GLY D 125 -1.32 -38.01 42.28
N PRO D 126 -0.53 -39.06 42.52
CA PRO D 126 0.91 -38.94 42.69
C PRO D 126 1.64 -38.62 41.40
N PHE D 127 2.82 -38.01 41.52
CA PHE D 127 3.67 -37.68 40.37
C PHE D 127 5.13 -37.86 40.79
N THR D 128 5.95 -38.37 39.87
CA THR D 128 7.31 -38.74 40.21
C THR D 128 8.36 -37.68 39.88
N ASN D 129 8.68 -37.53 38.60
CA ASN D 129 9.92 -36.88 38.20
C ASN D 129 9.82 -35.40 37.87
N MET D 130 8.61 -34.96 37.56
CA MET D 130 8.37 -33.57 37.20
C MET D 130 7.60 -32.90 38.32
N PRO D 131 8.11 -31.77 38.81
CA PRO D 131 7.38 -30.98 39.82
C PRO D 131 6.02 -30.60 39.25
N THR D 132 4.97 -30.97 40.00
CA THR D 132 3.59 -30.79 39.58
C THR D 132 3.31 -29.35 39.16
N ASP D 133 3.75 -28.41 40.00
CA ASP D 133 3.65 -26.98 39.73
C ASP D 133 4.31 -26.56 38.41
N GLN D 134 5.46 -27.15 38.10
CA GLN D 134 6.15 -26.87 36.83
C GLN D 134 5.34 -27.33 35.60
N LEU D 135 4.75 -28.52 35.68
CA LEU D 135 3.84 -29.00 34.63
C LEU D 135 2.58 -28.14 34.55
N GLU D 136 2.08 -27.71 35.71
CA GLU D 136 0.89 -26.87 35.81
C GLU D 136 1.11 -25.53 35.12
N TRP D 137 2.31 -24.98 35.28
CA TRP D 137 2.67 -23.72 34.64
C TRP D 137 2.81 -23.91 33.14
N MET D 138 3.38 -25.05 32.74
CA MET D 138 3.56 -25.42 31.34
C MET D 138 2.22 -25.50 30.63
N VAL D 139 1.26 -26.14 31.30
CA VAL D 139 -0.12 -26.25 30.84
C VAL D 139 -0.79 -24.86 30.72
N GLN D 140 -0.49 -23.98 31.68
CA GLN D 140 -1.10 -22.65 31.74
C GLN D 140 -0.49 -21.71 30.70
N LEU D 141 0.79 -21.93 30.40
CA LEU D 141 1.51 -21.17 29.38
C LEU D 141 0.93 -21.44 28.00
N CYS D 142 0.44 -22.66 27.81
CA CYS D 142 -0.27 -23.06 26.60
C CYS D 142 -1.75 -22.68 26.65
N GLY D 143 -2.11 -21.82 27.60
CA GLY D 143 -3.43 -21.22 27.67
C GLY D 143 -4.57 -22.10 28.13
N ALA D 144 -4.32 -22.90 29.16
CA ALA D 144 -5.36 -23.71 29.79
C ALA D 144 -5.72 -23.12 31.15
N SER D 145 -6.72 -23.71 31.78
CA SER D 145 -7.14 -23.32 33.11
C SER D 145 -6.76 -24.43 34.07
N VAL D 146 -5.98 -24.09 35.09
CA VAL D 146 -5.52 -25.07 36.06
C VAL D 146 -6.52 -25.17 37.20
N VAL D 147 -6.98 -26.38 37.46
CA VAL D 147 -7.92 -26.65 38.53
C VAL D 147 -7.29 -27.62 39.53
N LYS D 148 -7.19 -27.18 40.79
CA LYS D 148 -6.45 -27.92 41.81
C LYS D 148 -7.29 -28.92 42.63
N GLU D 149 -8.61 -28.86 42.50
CA GLU D 149 -9.49 -29.83 43.15
C GLU D 149 -10.52 -30.37 42.16
N LEU D 150 -10.78 -31.67 42.22
CA LEU D 150 -11.68 -32.34 41.27
C LEU D 150 -13.10 -31.77 41.20
N SER D 151 -13.59 -31.24 42.31
CA SER D 151 -14.92 -30.62 42.37
C SER D 151 -14.95 -29.22 41.75
N SER D 152 -13.78 -28.58 41.67
CA SER D 152 -13.68 -27.18 41.22
C SER D 152 -13.73 -26.99 39.69
N PHE D 153 -14.17 -28.03 38.98
CA PHE D 153 -14.37 -27.97 37.53
C PHE D 153 -15.60 -27.10 37.23
N THR D 154 -15.48 -26.29 36.17
CA THR D 154 -16.58 -25.48 35.71
C THR D 154 -17.32 -26.18 34.57
N LEU D 155 -18.54 -26.60 34.84
CA LEU D 155 -19.35 -27.33 33.86
C LEU D 155 -20.14 -26.39 32.94
N GLY D 156 -19.77 -25.10 32.93
CA GLY D 156 -20.37 -24.09 32.06
C GLY D 156 -20.09 -24.38 30.60
N THR D 157 -21.17 -24.33 29.80
CA THR D 157 -21.16 -24.76 28.40
C THR D 157 -20.19 -23.99 27.52
N GLY D 158 -18.99 -24.55 27.35
CA GLY D 158 -17.95 -23.93 26.54
C GLY D 158 -16.54 -24.40 26.85
N VAL D 159 -16.31 -24.84 28.08
CA VAL D 159 -15.01 -25.33 28.54
C VAL D 159 -15.05 -26.84 28.78
N HIS D 160 -14.09 -27.57 28.21
CA HIS D 160 -14.04 -29.03 28.33
C HIS D 160 -13.04 -29.50 29.38
N PRO D 161 -13.52 -30.24 30.38
CA PRO D 161 -12.68 -30.71 31.50
C PRO D 161 -11.82 -31.94 31.18
N ILE D 162 -10.58 -31.95 31.68
CA ILE D 162 -9.64 -33.06 31.49
C ILE D 162 -8.90 -33.35 32.82
N VAL D 163 -8.77 -34.63 33.15
CA VAL D 163 -7.99 -35.07 34.31
C VAL D 163 -6.67 -35.69 33.85
N VAL D 164 -5.55 -35.17 34.36
CA VAL D 164 -4.23 -35.68 33.99
C VAL D 164 -3.61 -36.49 35.12
N VAL D 165 -3.13 -37.70 34.79
CA VAL D 165 -2.73 -38.71 35.77
C VAL D 165 -1.43 -39.42 35.36
N GLN D 166 -0.57 -39.71 36.33
CA GLN D 166 0.64 -40.50 36.08
C GLN D 166 0.50 -41.92 36.63
N PRO D 167 0.20 -42.88 35.75
CA PRO D 167 -0.26 -44.21 36.14
C PRO D 167 0.73 -45.02 36.97
N ASP D 168 2.02 -44.92 36.64
CA ASP D 168 3.06 -45.68 37.34
C ASP D 168 3.31 -45.22 38.77
N ALA D 169 2.98 -43.96 39.05
CA ALA D 169 3.26 -43.32 40.34
C ALA D 169 2.44 -43.89 41.50
N TRP D 170 1.27 -44.45 41.18
CA TRP D 170 0.37 -45.04 42.18
C TRP D 170 0.94 -46.35 42.71
N THR D 171 0.67 -46.62 43.99
CA THR D 171 1.13 -47.86 44.63
C THR D 171 -0.03 -48.85 44.76
N PHE D 176 -6.93 -45.32 40.14
CA PHE D 176 -6.78 -44.53 38.92
C PHE D 176 -7.89 -44.82 37.91
N HIS D 177 -8.65 -45.88 38.17
CA HIS D 177 -9.79 -46.23 37.34
C HIS D 177 -11.10 -45.80 38.00
N ALA D 178 -10.99 -45.16 39.16
CA ALA D 178 -12.14 -44.75 39.97
C ALA D 178 -12.42 -43.25 39.89
N ILE D 179 -11.68 -42.56 39.04
CA ILE D 179 -11.83 -41.12 38.84
C ILE D 179 -13.10 -40.79 38.05
N GLY D 180 -13.54 -41.73 37.21
CA GLY D 180 -14.77 -41.61 36.45
C GLY D 180 -16.06 -41.58 37.28
N GLN D 181 -15.98 -42.09 38.51
CA GLN D 181 -17.11 -42.02 39.43
C GLN D 181 -17.24 -40.62 40.03
N MET D 182 -16.11 -39.98 40.29
CA MET D 182 -16.07 -38.68 40.93
C MET D 182 -16.59 -37.54 40.05
N CYS D 183 -16.35 -37.65 38.74
CA CYS D 183 -16.84 -36.67 37.77
C CYS D 183 -17.04 -37.28 36.38
N ALA D 185 -15.88 -36.54 33.02
CA ALA D 185 -14.66 -35.98 32.46
C ALA D 185 -13.63 -37.06 32.11
N PRO D 186 -13.00 -36.93 30.94
CA PRO D 186 -11.94 -37.86 30.51
C PRO D 186 -10.67 -37.81 31.36
N VAL D 187 -10.07 -38.98 31.57
CA VAL D 187 -8.82 -39.11 32.31
C VAL D 187 -7.70 -39.62 31.39
N VAL D 188 -6.74 -38.76 31.07
CA VAL D 188 -5.59 -39.15 30.25
C VAL D 188 -4.30 -39.24 31.05
N THR D 189 -3.28 -39.86 30.45
CA THR D 189 -1.94 -39.95 31.04
C THR D 189 -1.18 -38.62 30.99
N ARG D 190 -0.13 -38.52 31.79
CA ARG D 190 0.72 -37.34 31.84
C ARG D 190 1.46 -37.10 30.53
N GLU D 191 1.64 -38.16 29.75
CA GLU D 191 2.32 -38.07 28.46
C GLU D 191 1.50 -37.31 27.42
N TRP D 192 0.19 -37.16 27.66
CA TRP D 192 -0.69 -36.33 26.82
C TRP D 192 -0.26 -34.88 26.80
N VAL D 193 -0.02 -34.31 27.98
CA VAL D 193 0.46 -32.94 28.08
C VAL D 193 1.80 -32.82 27.37
N LEU D 194 2.74 -33.66 27.78
CA LEU D 194 4.13 -33.58 27.33
C LEU D 194 4.28 -33.71 25.83
N ASP D 195 3.58 -34.67 25.23
CA ASP D 195 3.65 -34.86 23.77
C ASP D 195 3.02 -33.68 23.05
N SER D 196 1.90 -33.18 23.59
CA SER D 196 1.17 -32.06 22.99
C SER D 196 1.96 -30.77 23.00
N VAL D 197 2.70 -30.54 24.08
CA VAL D 197 3.54 -29.35 24.24
C VAL D 197 4.73 -29.40 23.28
N ALA D 198 5.51 -30.48 23.32
CA ALA D 198 6.72 -30.59 22.52
C ALA D 198 6.49 -30.60 21.00
N LEU D 199 5.39 -31.22 20.56
CA LEU D 199 4.98 -31.19 19.14
C LEU D 199 4.26 -29.88 18.79
N TYR D 200 3.89 -29.14 19.84
CA TYR D 200 3.00 -27.99 19.79
C TYR D 200 1.74 -28.16 18.92
N GLN D 201 1.01 -29.22 19.21
CA GLN D 201 -0.29 -29.51 18.63
C GLN D 201 -1.07 -30.31 19.66
N CYS D 202 -2.30 -29.89 19.93
CA CYS D 202 -3.12 -30.54 20.95
C CYS D 202 -3.55 -31.92 20.49
N GLN D 203 -2.91 -32.94 21.04
CA GLN D 203 -3.10 -34.32 20.60
C GLN D 203 -4.47 -34.91 20.96
N GLU D 204 -4.97 -35.79 20.10
CA GLU D 204 -6.23 -36.48 20.33
C GLU D 204 -6.11 -37.36 21.57
N LEU D 205 -7.09 -37.22 22.46
CA LEU D 205 -7.06 -37.84 23.78
C LEU D 205 -7.27 -39.36 23.76
N ASP D 206 -7.86 -39.86 22.68
CA ASP D 206 -8.21 -41.28 22.55
C ASP D 206 -7.05 -42.23 22.86
N THR D 207 -5.86 -41.88 22.39
CA THR D 207 -4.67 -42.72 22.53
C THR D 207 -4.07 -42.68 23.93
N TYR D 208 -4.32 -41.61 24.66
CA TYR D 208 -3.76 -41.40 26.00
C TYR D 208 -4.77 -41.75 27.10
N LEU D 209 -6.00 -42.03 26.69
CA LEU D 209 -7.12 -42.23 27.62
C LEU D 209 -6.99 -43.49 28.46
N ILE D 210 -7.11 -43.32 29.78
CA ILE D 210 -7.15 -44.44 30.70
C ILE D 210 -8.61 -44.82 31.01
N PRO D 211 -8.98 -46.07 30.73
CA PRO D 211 -10.38 -46.54 30.87
C PRO D 211 -10.87 -46.60 32.31
N ARG E 4 24.34 -13.19 10.53
CA ARG E 4 25.05 -12.26 11.41
C ARG E 4 24.59 -10.81 11.18
N MET E 5 24.35 -10.11 12.29
CA MET E 5 23.81 -8.73 12.32
C MET E 5 24.78 -7.70 11.78
N SER E 6 24.32 -6.91 10.81
CA SER E 6 25.12 -5.82 10.27
C SER E 6 24.28 -4.55 10.18
N MET E 7 24.78 -3.50 10.79
CA MET E 7 24.00 -2.28 10.93
C MET E 7 24.44 -1.17 10.00
N VAL E 8 23.51 -0.26 9.75
CA VAL E 8 23.77 0.96 8.99
C VAL E 8 22.88 2.06 9.58
N VAL E 9 23.25 3.32 9.35
CA VAL E 9 22.69 4.42 10.14
C VAL E 9 22.03 5.44 9.22
N SER E 10 20.97 6.12 9.66
CA SER E 10 20.42 7.22 8.86
C SER E 10 19.79 8.39 9.61
N GLY E 11 20.09 9.60 9.17
CA GLY E 11 19.54 10.81 9.75
C GLY E 11 20.22 11.22 11.05
N LEU E 12 21.38 10.63 11.31
CA LEU E 12 22.09 10.86 12.54
C LEU E 12 23.10 11.99 12.46
N THR E 13 23.19 12.77 13.53
CA THR E 13 24.28 13.70 13.74
C THR E 13 25.51 12.88 14.18
N PRO E 14 26.73 13.41 13.98
CA PRO E 14 27.94 12.71 14.40
C PRO E 14 27.98 12.19 15.85
N GLU E 15 27.57 12.99 16.83
CA GLU E 15 27.55 12.53 18.23
C GLU E 15 26.55 11.39 18.46
N GLU E 16 25.48 11.40 17.68
CA GLU E 16 24.49 10.32 17.72
C GLU E 16 25.02 9.06 17.05
N PHE E 17 25.82 9.26 16.00
CA PHE E 17 26.44 8.17 15.28
C PHE E 17 27.49 7.52 16.15
N MET E 18 28.25 8.34 16.87
CA MET E 18 29.32 7.88 17.75
C MET E 18 28.78 7.01 18.87
N LEU E 19 27.58 7.35 19.35
CA LEU E 19 26.85 6.56 20.32
C LEU E 19 26.59 5.16 19.77
N VAL E 20 26.14 5.10 18.53
CA VAL E 20 25.90 3.82 17.84
C VAL E 20 27.23 3.06 17.66
N TYR E 21 28.30 3.79 17.34
CA TYR E 21 29.64 3.22 17.23
C TYR E 21 30.06 2.57 18.54
N LYS E 22 29.81 3.28 19.64
CA LYS E 22 30.11 2.78 20.97
C LYS E 22 29.19 1.63 21.34
N PHE E 23 27.95 1.69 20.87
CA PHE E 23 26.95 0.67 21.14
C PHE E 23 27.26 -0.63 20.43
N ALA E 24 27.67 -0.54 19.17
CA ALA E 24 27.96 -1.71 18.36
C ALA E 24 29.19 -2.46 18.86
N ARG E 25 30.22 -1.70 19.22
CA ARG E 25 31.48 -2.27 19.68
C ARG E 25 31.34 -3.05 21.00
N LYS E 26 30.35 -2.66 21.80
CA LYS E 26 30.08 -3.32 23.09
C LYS E 26 29.40 -4.67 22.93
N HIS E 27 28.64 -4.84 21.85
CA HIS E 27 27.90 -6.08 21.64
C HIS E 27 28.42 -6.90 20.46
N HIS E 28 29.54 -6.44 19.91
CA HIS E 28 30.19 -7.01 18.71
C HIS E 28 29.28 -7.02 17.48
N ILE E 29 28.57 -5.91 17.29
CA ILE E 29 27.78 -5.75 16.08
C ILE E 29 28.63 -5.08 15.01
N THR E 30 28.51 -5.56 13.78
CA THR E 30 29.13 -4.93 12.64
C THR E 30 28.36 -3.66 12.26
N LEU E 31 29.07 -2.54 12.15
CA LEU E 31 28.47 -1.29 11.71
C LEU E 31 29.28 -0.70 10.56
N THR E 32 28.66 -0.50 9.42
CA THR E 32 29.34 0.10 8.28
C THR E 32 28.73 1.44 7.93
N ASN E 33 29.42 2.15 7.04
CA ASN E 33 28.99 3.47 6.57
C ASN E 33 28.02 3.36 5.41
N LEU E 34 28.17 2.29 4.64
CA LEU E 34 27.45 2.10 3.40
C LEU E 34 26.52 0.90 3.49
N ILE E 35 25.35 1.04 2.88
CA ILE E 35 24.38 -0.07 2.86
C ILE E 35 24.78 -1.12 1.81
N THR E 36 24.91 -2.36 2.27
CA THR E 36 25.28 -3.47 1.41
C THR E 36 24.15 -4.51 1.36
N GLU E 37 24.35 -5.53 0.54
CA GLU E 37 23.38 -6.62 0.42
C GLU E 37 23.35 -7.46 1.69
N GLU E 38 24.45 -7.38 2.46
CA GLU E 38 24.63 -8.16 3.68
C GLU E 38 24.25 -7.36 4.93
N THR E 39 23.63 -6.20 4.73
CA THR E 39 23.12 -5.41 5.84
C THR E 39 21.84 -6.03 6.35
N THR E 40 21.65 -6.03 7.66
CA THR E 40 20.42 -6.57 8.27
C THR E 40 19.58 -5.49 8.93
N HIS E 41 20.23 -4.42 9.40
CA HIS E 41 19.55 -3.38 10.16
C HIS E 41 19.83 -1.99 9.60
N VAL E 42 18.77 -1.16 9.54
CA VAL E 42 18.94 0.25 9.24
C VAL E 42 18.43 1.02 10.44
N VAL E 43 19.31 1.73 11.13
CA VAL E 43 18.91 2.51 12.30
C VAL E 43 18.56 3.94 11.92
N MET E 44 17.26 4.23 11.85
CA MET E 44 16.70 5.52 11.43
C MET E 44 16.48 6.49 12.58
N LYS E 45 16.91 7.74 12.41
CA LYS E 45 16.56 8.78 13.36
C LYS E 45 15.07 9.05 13.21
N THR E 46 14.32 8.91 14.31
CA THR E 46 12.87 9.16 14.30
C THR E 46 12.41 10.12 15.38
N ASP E 47 11.09 10.27 15.48
CA ASP E 47 10.48 10.90 16.63
C ASP E 47 9.88 9.82 17.55
N ALA E 48 9.08 10.25 18.52
CA ALA E 48 8.58 9.37 19.57
C ALA E 48 7.54 8.35 19.07
N GLU E 49 6.81 8.72 18.03
CA GLU E 49 5.87 7.78 17.40
C GLU E 49 6.55 6.90 16.33
N PHE E 50 7.89 6.94 16.32
CA PHE E 50 8.75 6.16 15.41
C PHE E 50 8.49 6.48 13.94
N VAL E 51 8.41 7.78 13.65
CA VAL E 51 8.21 8.28 12.31
C VAL E 51 9.50 8.96 11.89
N CYS E 52 10.01 8.60 10.71
CA CYS E 52 11.28 9.16 10.24
C CYS E 52 11.10 9.90 8.92
N GLU E 53 12.22 10.32 8.33
CA GLU E 53 12.23 10.97 7.03
C GLU E 53 12.69 9.97 5.99
N ARG E 54 12.39 10.24 4.73
CA ARG E 54 12.72 9.30 3.69
C ARG E 54 14.13 9.58 3.20
N THR E 55 15.05 8.70 3.53
CA THR E 55 16.40 8.72 2.98
C THR E 55 16.53 7.54 2.04
N LEU E 56 17.60 7.54 1.26
CA LEU E 56 17.89 6.43 0.35
C LEU E 56 18.04 5.12 1.14
N LYS E 57 18.83 5.19 2.20
CA LYS E 57 18.95 4.07 3.15
C LYS E 57 17.62 3.57 3.73
N TYR E 58 16.63 4.44 3.81
CA TYR E 58 15.29 4.05 4.26
C TYR E 58 14.54 3.30 3.16
N PHE E 59 14.67 3.76 1.91
CA PHE E 59 14.04 3.08 0.77
C PHE E 59 14.68 1.72 0.52
N LEU E 60 16.01 1.67 0.58
CA LEU E 60 16.77 0.44 0.33
C LEU E 60 16.59 -0.58 1.45
N GLY E 61 16.38 -0.07 2.66
CA GLY E 61 16.13 -0.93 3.81
C GLY E 61 14.81 -1.66 3.62
N ILE E 62 13.77 -0.92 3.21
CA ILE E 62 12.46 -1.49 2.96
C ILE E 62 12.53 -2.40 1.74
N ALA E 63 13.13 -1.93 0.66
CA ALA E 63 13.26 -2.73 -0.54
C ALA E 63 14.00 -4.05 -0.25
N GLY E 64 14.97 -4.00 0.65
CA GLY E 64 15.74 -5.17 1.03
C GLY E 64 15.04 -6.15 1.94
N GLY E 65 13.95 -5.72 2.58
CA GLY E 65 13.29 -6.51 3.61
C GLY E 65 14.11 -6.49 4.88
N LYS E 66 14.89 -5.43 5.05
CA LYS E 66 15.77 -5.24 6.20
C LYS E 66 15.00 -4.86 7.47
N TRP E 67 15.66 -4.96 8.63
CA TRP E 67 15.06 -4.47 9.86
C TRP E 67 15.25 -2.97 9.88
N VAL E 68 14.15 -2.25 9.70
CA VAL E 68 14.22 -0.79 9.72
C VAL E 68 13.75 -0.37 11.12
N VAL E 69 14.70 0.14 11.92
CA VAL E 69 14.51 0.35 13.35
C VAL E 69 14.80 1.79 13.77
N SER E 70 14.08 2.28 14.77
CA SER E 70 14.29 3.63 15.29
C SER E 70 15.58 3.75 16.08
N TYR E 71 16.09 4.96 16.19
CA TYR E 71 17.35 5.24 16.90
C TYR E 71 17.15 5.12 18.41
N PHE E 72 15.89 5.15 18.83
CA PHE E 72 15.55 4.93 20.25
C PHE E 72 15.90 3.52 20.71
N TRP E 73 15.88 2.55 19.80
CA TRP E 73 16.35 1.19 20.08
C TRP E 73 17.73 1.19 20.71
N VAL E 74 18.59 2.10 20.27
CA VAL E 74 19.93 2.21 20.81
C VAL E 74 19.92 2.98 22.14
N THR E 75 19.36 4.18 22.15
CA THR E 75 19.43 5.03 23.35
C THR E 75 18.67 4.47 24.55
N GLN E 76 17.59 3.74 24.31
CA GLN E 76 16.88 3.09 25.40
C GLN E 76 17.58 1.81 25.85
N SER E 77 18.31 1.17 24.94
CA SER E 77 19.13 -0.01 25.25
C SER E 77 20.29 0.34 26.16
N ILE E 78 20.88 1.52 25.92
CA ILE E 78 21.95 2.04 26.76
C ILE E 78 21.44 2.30 28.16
N LYS E 79 20.20 2.78 28.26
CA LYS E 79 19.62 3.19 29.52
C LYS E 79 19.28 2.01 30.43
N GLU E 80 18.87 0.90 29.85
CA GLU E 80 18.44 -0.27 30.62
C GLU E 80 19.53 -1.35 30.73
N ARG E 81 20.75 -0.99 30.32
CA ARG E 81 21.93 -1.88 30.31
C ARG E 81 21.79 -3.15 29.48
N LYS E 82 20.65 -3.31 28.81
CA LYS E 82 20.31 -4.53 28.12
C LYS E 82 20.11 -4.29 26.62
N MET E 83 20.31 -5.33 25.82
CA MET E 83 20.05 -5.24 24.39
C MET E 83 18.60 -5.62 24.10
N LEU E 84 17.77 -4.60 23.91
CA LEU E 84 16.33 -4.76 23.77
C LEU E 84 15.93 -5.29 22.40
N ASN E 85 14.71 -5.82 22.31
CA ASN E 85 14.22 -6.41 21.07
C ASN E 85 14.00 -5.38 19.97
N GLU E 86 14.43 -5.72 18.76
CA GLU E 86 14.22 -4.86 17.59
C GLU E 86 12.76 -4.89 17.15
N HIS E 87 12.02 -5.91 17.59
CA HIS E 87 10.59 -6.05 17.34
C HIS E 87 9.82 -4.84 17.87
N ASP E 88 10.26 -4.32 19.01
CA ASP E 88 9.55 -3.26 19.71
C ASP E 88 9.99 -1.84 19.33
N PHE E 89 10.83 -1.71 18.30
CA PHE E 89 11.42 -0.42 17.95
C PHE E 89 11.39 -0.15 16.44
N GLU E 90 10.73 -1.04 15.71
CA GLU E 90 10.53 -0.94 14.27
C GLU E 90 9.86 0.38 13.92
N VAL E 91 10.32 1.04 12.86
CA VAL E 91 9.72 2.31 12.44
C VAL E 91 8.31 2.10 11.93
N ARG E 92 7.42 2.97 12.39
CA ARG E 92 5.99 2.81 12.20
C ARG E 92 5.51 3.48 10.91
N GLY E 93 6.43 4.16 10.23
CA GLY E 93 6.09 4.97 9.07
C GLY E 93 6.94 6.23 8.89
N ASP E 94 6.68 7.00 7.85
CA ASP E 94 7.51 8.15 7.51
C ASP E 94 6.72 9.43 7.30
N VAL E 95 7.41 10.55 7.45
CA VAL E 95 6.84 11.89 7.50
C VAL E 95 6.10 12.32 6.21
N VAL E 96 6.25 11.54 5.15
CA VAL E 96 5.63 11.83 3.87
C VAL E 96 4.40 10.99 3.60
N ASN E 97 4.54 9.67 3.70
CA ASN E 97 3.46 8.77 3.34
C ASN E 97 2.49 8.50 4.48
N GLY E 98 3.00 8.44 5.70
CA GLY E 98 2.14 8.24 6.85
C GLY E 98 2.86 7.85 8.12
N ARG E 99 2.27 8.23 9.26
CA ARG E 99 2.82 7.87 10.57
C ARG E 99 2.48 6.43 10.93
N ASN E 100 1.60 5.80 10.14
CA ASN E 100 0.98 4.55 10.53
C ASN E 100 1.15 3.37 9.60
N HIS E 101 1.60 3.62 8.36
CA HIS E 101 1.80 2.53 7.41
C HIS E 101 2.88 1.62 7.94
N GLN E 102 2.57 0.34 8.11
CA GLN E 102 3.61 -0.57 8.53
C GLN E 102 4.38 -1.06 7.30
N GLY E 103 4.98 -0.10 6.59
CA GLY E 103 5.73 -0.34 5.38
C GLY E 103 6.91 -1.27 5.55
N PRO E 104 7.87 -0.93 6.41
CA PRO E 104 8.99 -1.82 6.77
C PRO E 104 8.56 -3.23 7.18
N LYS E 105 7.56 -3.33 8.07
CA LYS E 105 7.00 -4.61 8.50
C LYS E 105 6.45 -5.38 7.30
N ARG E 106 5.67 -4.69 6.47
CA ARG E 106 5.04 -5.26 5.28
C ARG E 106 6.09 -5.89 4.36
N ALA E 107 7.22 -5.21 4.26
CA ALA E 107 8.29 -5.62 3.38
C ALA E 107 9.02 -6.87 3.84
N ARG E 108 9.27 -6.97 5.14
CA ARG E 108 9.90 -8.19 5.66
C ARG E 108 8.92 -9.34 5.72
N GLU E 109 7.65 -9.02 5.97
CA GLU E 109 6.59 -10.03 6.09
C GLU E 109 6.22 -10.65 4.75
N SER E 110 6.22 -9.81 3.71
CA SER E 110 5.90 -10.26 2.34
C SER E 110 7.09 -10.09 1.41
N GLN E 111 7.75 -11.20 1.12
CA GLN E 111 8.96 -11.24 0.32
C GLN E 111 8.80 -12.32 -0.75
N ASP E 112 7.83 -13.21 -0.53
CA ASP E 112 7.40 -14.21 -1.51
C ASP E 112 6.62 -13.51 -2.61
N ARG E 113 5.79 -12.55 -2.19
CA ARG E 113 5.17 -11.60 -3.10
C ARG E 113 5.94 -10.29 -2.97
N LYS E 114 6.45 -9.78 -4.10
CA LYS E 114 7.21 -8.52 -4.11
C LYS E 114 6.46 -7.51 -4.94
N ILE E 115 6.49 -6.25 -4.54
CA ILE E 115 5.58 -5.24 -5.09
C ILE E 115 5.70 -4.99 -6.60
N PHE E 116 6.87 -5.23 -7.16
CA PHE E 116 7.12 -4.95 -8.57
C PHE E 116 7.30 -6.23 -9.39
N ARG E 117 6.75 -7.33 -8.87
CA ARG E 117 7.00 -8.68 -9.39
C ARG E 117 7.04 -8.84 -10.91
N GLY E 118 6.02 -8.35 -11.62
CA GLY E 118 5.92 -8.60 -13.04
C GLY E 118 6.09 -7.36 -13.91
N LEU E 119 7.00 -6.49 -13.48
CA LEU E 119 7.18 -5.19 -14.13
C LEU E 119 8.56 -5.07 -14.75
N GLU E 120 8.62 -4.38 -15.88
CA GLU E 120 9.87 -3.98 -16.49
C GLU E 120 9.94 -2.49 -16.31
N ILE E 121 11.01 -1.99 -15.69
CA ILE E 121 11.14 -0.55 -15.44
C ILE E 121 12.33 0.08 -16.20
N CYS E 122 12.04 1.15 -16.94
CA CYS E 122 13.08 1.92 -17.61
C CYS E 122 13.06 3.36 -17.14
N CYS E 123 14.10 3.76 -16.41
CA CYS E 123 14.29 5.16 -16.05
C CYS E 123 14.80 5.93 -17.26
N TYR E 124 14.26 7.12 -17.49
CA TYR E 124 14.57 7.91 -18.68
C TYR E 124 14.92 9.37 -18.33
N GLY E 125 15.89 9.93 -19.06
CA GLY E 125 16.23 11.33 -18.95
C GLY E 125 17.01 11.71 -17.70
N PRO E 126 17.03 12.99 -17.35
CA PRO E 126 17.84 13.49 -16.23
C PRO E 126 17.22 13.31 -14.85
N PHE E 127 18.06 13.14 -13.83
CA PHE E 127 17.61 12.90 -12.46
C PHE E 127 18.53 13.66 -11.53
N THR E 128 18.02 14.13 -10.40
CA THR E 128 18.79 15.04 -9.56
C THR E 128 19.40 14.43 -8.30
N ASN E 129 18.54 13.97 -7.40
CA ASN E 129 18.97 13.87 -6.03
C ASN E 129 19.31 12.48 -5.55
N MET E 130 19.02 11.51 -6.39
CA MET E 130 19.24 10.12 -6.08
C MET E 130 19.98 9.51 -7.25
N PRO E 131 21.07 8.80 -6.99
CA PRO E 131 21.81 8.14 -8.06
C PRO E 131 20.88 7.15 -8.73
N THR E 132 20.75 7.26 -10.05
CA THR E 132 19.88 6.41 -10.84
C THR E 132 20.16 4.93 -10.57
N ASP E 133 21.44 4.56 -10.60
CA ASP E 133 21.89 3.21 -10.28
C ASP E 133 21.46 2.74 -8.90
N GLN E 134 21.23 3.66 -7.95
CA GLN E 134 20.65 3.25 -6.66
C GLN E 134 19.14 2.98 -6.80
N LEU E 135 18.41 3.93 -7.38
CA LEU E 135 16.98 3.76 -7.63
C LEU E 135 16.66 2.52 -8.48
N GLU E 136 17.48 2.26 -9.49
CA GLU E 136 17.36 1.03 -10.27
C GLU E 136 17.55 -0.21 -9.39
N TRP E 137 18.50 -0.16 -8.45
CA TRP E 137 18.74 -1.27 -7.52
C TRP E 137 17.55 -1.46 -6.60
N MET E 138 17.03 -0.34 -6.13
CA MET E 138 15.83 -0.28 -5.30
C MET E 138 14.64 -0.93 -6.00
N VAL E 139 14.47 -0.57 -7.27
CA VAL E 139 13.41 -1.11 -8.11
C VAL E 139 13.59 -2.63 -8.31
N GLN E 140 14.85 -3.04 -8.50
CA GLN E 140 15.19 -4.43 -8.75
C GLN E 140 14.97 -5.30 -7.52
N LEU E 141 15.26 -4.74 -6.36
CA LEU E 141 15.10 -5.40 -5.07
C LEU E 141 13.65 -5.75 -4.82
N CYS E 142 12.76 -4.96 -5.40
CA CYS E 142 11.33 -5.22 -5.30
C CYS E 142 10.86 -6.12 -6.44
N GLY E 143 11.81 -6.71 -7.17
CA GLY E 143 11.50 -7.75 -8.12
C GLY E 143 11.16 -7.31 -9.53
N ALA E 144 11.52 -6.08 -9.88
CA ALA E 144 11.34 -5.59 -11.24
C ALA E 144 12.54 -5.89 -12.12
N SER E 145 12.28 -5.95 -13.43
CA SER E 145 13.31 -6.05 -14.44
C SER E 145 13.71 -4.62 -14.78
N VAL E 146 15.00 -4.32 -14.75
CA VAL E 146 15.46 -2.98 -15.10
C VAL E 146 15.98 -2.99 -16.52
N VAL E 147 15.46 -2.06 -17.31
CA VAL E 147 15.83 -1.96 -18.71
C VAL E 147 16.48 -0.59 -18.94
N LYS E 148 17.63 -0.58 -19.58
CA LYS E 148 18.46 0.62 -19.68
C LYS E 148 18.20 1.50 -20.91
N GLU E 149 17.47 1.00 -21.91
CA GLU E 149 17.09 1.79 -23.07
C GLU E 149 15.66 1.47 -23.51
N LEU E 150 14.93 2.50 -23.96
CA LEU E 150 13.49 2.41 -24.21
C LEU E 150 13.05 1.35 -25.21
N SER E 151 13.92 1.07 -26.18
CA SER E 151 13.66 0.05 -27.19
C SER E 151 13.96 -1.38 -26.72
N SER E 152 14.57 -1.51 -25.54
CA SER E 152 14.91 -2.82 -24.97
C SER E 152 13.82 -3.41 -24.06
N PHE E 153 12.62 -2.87 -24.17
CA PHE E 153 11.44 -3.42 -23.53
C PHE E 153 11.07 -4.76 -24.17
N THR E 154 10.51 -5.67 -23.40
CA THR E 154 10.09 -6.96 -23.93
C THR E 154 8.60 -6.97 -24.20
N LEU E 155 8.24 -7.31 -25.43
CA LEU E 155 6.85 -7.35 -25.85
C LEU E 155 6.08 -8.61 -25.42
N GLY E 156 6.72 -9.48 -24.63
CA GLY E 156 6.13 -10.74 -24.17
C GLY E 156 4.96 -10.53 -23.24
N THR E 157 3.87 -11.29 -23.48
CA THR E 157 2.54 -11.07 -22.88
C THR E 157 2.49 -10.74 -21.37
N GLY E 158 3.21 -11.51 -20.56
CA GLY E 158 3.15 -11.35 -19.13
C GLY E 158 3.88 -10.16 -18.50
N VAL E 159 4.59 -9.38 -19.31
CA VAL E 159 5.43 -8.31 -18.82
C VAL E 159 4.83 -6.92 -19.08
N HIS E 160 4.77 -6.09 -18.05
CA HIS E 160 4.28 -4.72 -18.21
C HIS E 160 5.42 -3.72 -18.20
N PRO E 161 5.57 -2.98 -19.30
CA PRO E 161 6.60 -1.93 -19.40
C PRO E 161 6.20 -0.62 -18.71
N ILE E 162 7.09 -0.05 -17.90
CA ILE E 162 6.86 1.26 -17.27
C ILE E 162 8.08 2.15 -17.47
N VAL E 163 7.83 3.43 -17.79
CA VAL E 163 8.89 4.43 -17.90
C VAL E 163 8.85 5.37 -16.70
N VAL E 164 10.00 5.54 -16.04
CA VAL E 164 10.08 6.37 -14.84
C VAL E 164 10.93 7.62 -15.11
N VAL E 165 10.37 8.77 -14.77
CA VAL E 165 10.90 10.08 -15.19
C VAL E 165 10.94 11.04 -14.00
N GLN E 166 11.91 11.95 -13.95
CA GLN E 166 11.86 13.03 -12.96
C GLN E 166 11.70 14.37 -13.64
N PRO E 167 10.46 14.82 -13.72
CA PRO E 167 10.09 16.00 -14.52
C PRO E 167 10.87 17.28 -14.20
N ASP E 168 11.00 17.67 -12.93
CA ASP E 168 11.65 18.95 -12.58
C ASP E 168 13.15 19.05 -12.91
N ALA E 169 13.74 17.90 -13.26
CA ALA E 169 15.14 17.85 -13.69
C ALA E 169 15.34 18.28 -15.16
N TRP E 170 14.27 18.27 -15.96
CA TRP E 170 14.33 18.61 -17.39
C TRP E 170 14.47 20.14 -17.60
N THR E 171 15.32 20.55 -18.56
CA THR E 171 15.57 21.97 -18.81
C THR E 171 14.88 22.53 -20.07
N GLU E 172 15.15 21.93 -21.23
CA GLU E 172 14.30 22.13 -22.42
C GLU E 172 13.16 21.10 -22.31
N ASP E 173 12.22 21.45 -21.43
CA ASP E 173 11.52 20.48 -20.58
C ASP E 173 10.27 19.82 -21.14
N ASN E 174 9.69 20.39 -22.19
CA ASN E 174 8.42 19.88 -22.69
C ASN E 174 8.51 18.50 -23.41
N GLY E 175 9.62 17.80 -23.21
CA GLY E 175 9.95 16.59 -23.94
C GLY E 175 9.63 15.27 -23.27
N PHE E 176 9.30 15.31 -21.98
CA PHE E 176 8.85 14.11 -21.27
C PHE E 176 7.43 13.72 -21.66
N HIS E 177 6.84 14.52 -22.54
CA HIS E 177 5.51 14.26 -23.09
C HIS E 177 5.62 13.54 -24.42
N ALA E 178 6.85 13.29 -24.88
CA ALA E 178 7.09 12.71 -26.20
C ALA E 178 7.58 11.27 -26.13
N ILE E 179 7.51 10.66 -24.96
CA ILE E 179 7.97 9.29 -24.77
C ILE E 179 6.96 8.28 -25.32
N GLY E 180 5.70 8.66 -25.34
CA GLY E 180 4.65 7.86 -25.94
C GLY E 180 4.75 7.78 -27.45
N GLN E 181 5.53 8.67 -28.05
CA GLN E 181 5.84 8.58 -29.46
C GLN E 181 6.81 7.43 -29.71
N MET E 182 7.72 7.21 -28.78
CA MET E 182 8.78 6.23 -28.97
C MET E 182 8.33 4.80 -28.64
N CYS E 183 7.42 4.67 -27.68
CA CYS E 183 6.99 3.36 -27.21
C CYS E 183 5.59 3.40 -26.61
N GLU E 184 4.90 2.28 -26.67
CA GLU E 184 3.62 2.14 -25.98
C GLU E 184 3.91 1.61 -24.58
N ALA E 185 4.04 2.54 -23.63
CA ALA E 185 4.26 2.26 -22.22
C ALA E 185 3.87 3.50 -21.44
N PRO E 186 3.22 3.33 -20.28
CA PRO E 186 2.91 4.46 -19.40
C PRO E 186 4.18 5.13 -18.91
N VAL E 187 4.11 6.43 -18.67
CA VAL E 187 5.24 7.15 -18.09
C VAL E 187 4.80 7.74 -16.77
N VAL E 188 5.47 7.36 -15.70
CA VAL E 188 5.18 7.93 -14.40
C VAL E 188 6.30 8.78 -13.85
N THR E 189 5.94 9.57 -12.85
CA THR E 189 6.88 10.39 -12.11
C THR E 189 7.64 9.52 -11.09
N ARG E 190 8.84 9.95 -10.73
CA ARG E 190 9.74 9.19 -9.85
C ARG E 190 9.09 8.84 -8.52
N GLU E 191 8.14 9.67 -8.10
CA GLU E 191 7.43 9.51 -6.84
C GLU E 191 6.62 8.24 -6.79
N TRP E 192 6.23 7.69 -7.95
CA TRP E 192 5.53 6.41 -7.98
C TRP E 192 6.38 5.26 -7.41
N VAL E 193 7.67 5.25 -7.77
CA VAL E 193 8.60 4.26 -7.24
C VAL E 193 8.71 4.45 -5.75
N LEU E 194 9.03 5.68 -5.36
CA LEU E 194 9.29 6.04 -3.99
C LEU E 194 8.12 5.76 -3.05
N ASP E 195 6.93 6.27 -3.39
CA ASP E 195 5.72 6.05 -2.58
C ASP E 195 5.40 4.57 -2.45
N SER E 196 5.50 3.85 -3.58
CA SER E 196 5.25 2.42 -3.59
C SER E 196 6.20 1.70 -2.64
N VAL E 197 7.49 2.07 -2.69
CA VAL E 197 8.52 1.44 -1.88
C VAL E 197 8.35 1.75 -0.40
N ALA E 198 8.12 3.04 -0.10
CA ALA E 198 7.91 3.45 1.29
C ALA E 198 6.76 2.68 1.91
N LEU E 199 5.63 2.65 1.22
CA LEU E 199 4.44 1.91 1.68
C LEU E 199 4.56 0.39 1.54
N TYR E 200 5.54 -0.07 0.74
CA TYR E 200 5.61 -1.44 0.22
C TYR E 200 4.24 -1.98 -0.21
N GLN E 201 3.66 -1.24 -1.15
CA GLN E 201 2.37 -1.55 -1.74
C GLN E 201 2.42 -0.91 -3.10
N CYS E 202 2.13 -1.68 -4.14
CA CYS E 202 2.24 -1.18 -5.50
C CYS E 202 1.15 -0.17 -5.85
N GLN E 203 1.54 1.09 -5.95
CA GLN E 203 0.60 2.18 -6.19
C GLN E 203 0.03 2.12 -7.60
N GLU E 204 -1.24 2.50 -7.74
CA GLU E 204 -1.85 2.54 -9.06
C GLU E 204 -1.31 3.75 -9.80
N LEU E 205 -0.88 3.53 -11.04
CA LEU E 205 -0.24 4.55 -11.87
C LEU E 205 -1.05 5.84 -12.05
N ASP E 206 -2.38 5.72 -12.06
CA ASP E 206 -3.31 6.84 -12.30
C ASP E 206 -2.82 8.21 -11.86
N THR E 207 -2.43 8.31 -10.59
CA THR E 207 -2.12 9.57 -9.94
C THR E 207 -0.73 10.10 -10.28
N TYR E 208 0.14 9.23 -10.74
CA TYR E 208 1.52 9.59 -10.96
C TYR E 208 1.78 9.68 -12.46
N LEU E 209 0.71 9.53 -13.22
CA LEU E 209 0.82 9.48 -14.66
C LEU E 209 1.06 10.86 -15.26
N ILE E 210 2.13 10.96 -16.06
CA ILE E 210 2.40 12.14 -16.89
C ILE E 210 1.71 11.97 -18.23
N PRO E 211 0.83 12.90 -18.56
CA PRO E 211 0.03 12.81 -19.78
C PRO E 211 0.89 12.75 -21.03
N GLN E 212 0.74 11.68 -21.81
CA GLN E 212 1.50 11.53 -23.05
C GLN E 212 0.75 12.03 -24.28
N ILE E 213 1.51 12.35 -25.32
CA ILE E 213 0.98 13.10 -26.45
C ILE E 213 0.92 12.22 -27.72
N PRO E 214 -0.06 12.49 -28.59
CA PRO E 214 -0.18 11.78 -29.89
C PRO E 214 1.03 11.97 -30.80
N GLY F 1 19.01 11.37 -23.36
CA GLY F 1 18.39 10.09 -23.68
C GLY F 1 18.05 9.29 -22.43
N ALA F 2 18.81 8.23 -22.21
CA ALA F 2 18.59 7.30 -21.09
C ALA F 2 18.81 7.93 -19.68
N ALA F 3 18.94 7.09 -18.69
CA ALA F 3 19.08 7.55 -17.32
C ALA F 3 20.41 8.26 -17.06
N TYR F 4 20.44 9.59 -16.91
CA TYR F 4 21.71 10.22 -16.55
C TYR F 4 21.53 11.14 -15.37
N ASP F 5 22.49 11.02 -14.47
CA ASP F 5 22.52 11.82 -13.26
C ASP F 5 22.98 13.25 -13.59
N ILE F 6 22.59 14.20 -12.76
CA ILE F 6 22.70 15.62 -13.10
C ILE F 6 23.23 16.47 -11.94
N SEP F 7 24.15 17.38 -12.25
CA SEP F 7 24.83 18.16 -11.21
CB SEP F 7 26.13 18.80 -11.73
OG SEP F 7 26.19 18.81 -13.14
C SEP F 7 23.91 19.20 -10.61
O SEP F 7 23.01 19.71 -11.29
P SEP F 7 27.63 19.27 -13.68
O1P SEP F 7 28.09 20.66 -13.01
O2P SEP F 7 27.47 19.52 -15.25
O3P SEP F 7 28.70 18.10 -13.43
N GLN F 8 24.13 19.51 -9.33
CA GLN F 8 23.21 20.34 -8.57
C GLN F 8 23.18 21.74 -9.14
N VAL F 9 22.02 22.38 -9.01
CA VAL F 9 21.87 23.79 -9.31
C VAL F 9 21.75 24.48 -7.96
N PHE F 10 22.07 25.77 -7.88
CA PHE F 10 21.97 26.46 -6.61
C PHE F 10 21.01 27.66 -6.70
N PRO F 11 19.72 27.38 -6.59
CA PRO F 11 18.65 28.37 -6.79
C PRO F 11 18.56 29.40 -5.71
N PHE F 12 17.58 30.29 -5.86
CA PHE F 12 17.30 31.29 -4.83
C PHE F 12 16.96 30.63 -3.48
N ALA F 13 17.40 31.21 -2.39
CA ALA F 13 17.10 30.66 -1.06
C ALA F 13 17.28 31.72 0.00
N LYS F 14 16.73 31.53 1.16
CA LYS F 14 16.78 32.59 2.17
C LYS F 14 18.16 33.10 2.48
N GLY G 1 -16.41 12.56 -23.46
CA GLY G 1 -17.85 12.19 -23.40
C GLY G 1 -18.61 13.00 -22.35
N ALA G 2 -19.81 13.44 -22.71
CA ALA G 2 -20.66 14.22 -21.80
C ALA G 2 -21.49 13.31 -20.89
N ALA G 3 -21.51 12.01 -21.21
CA ALA G 3 -22.20 11.02 -20.42
C ALA G 3 -21.22 10.26 -19.54
N TYR G 4 -21.67 9.88 -18.34
CA TYR G 4 -20.81 9.25 -17.34
C TYR G 4 -21.58 8.32 -16.42
N ASP G 5 -20.92 7.28 -15.93
CA ASP G 5 -21.53 6.29 -15.06
C ASP G 5 -21.44 6.70 -13.60
N ILE G 6 -22.53 6.51 -12.87
CA ILE G 6 -22.61 6.86 -11.46
C ILE G 6 -22.94 5.61 -10.62
N SEP G 7 -22.37 5.51 -9.41
CA SEP G 7 -22.57 4.32 -8.58
CB SEP G 7 -21.48 4.17 -7.52
OG SEP G 7 -21.10 5.43 -7.02
C SEP G 7 -23.94 4.21 -7.95
O SEP G 7 -24.61 5.22 -7.70
P SEP G 7 -19.64 5.26 -6.36
O1P SEP G 7 -19.79 4.77 -4.84
O2P SEP G 7 -18.93 6.69 -6.43
O3P SEP G 7 -18.75 4.20 -7.20
N GLN G 8 -24.34 2.97 -7.70
CA GLN G 8 -25.70 2.63 -7.31
C GLN G 8 -26.07 3.21 -5.98
N VAL G 9 -27.29 3.72 -5.95
CA VAL G 9 -27.87 4.27 -4.75
C VAL G 9 -28.75 3.18 -4.16
N PHE G 10 -28.84 3.13 -2.83
CA PHE G 10 -29.70 2.16 -2.16
C PHE G 10 -30.86 2.83 -1.41
N PRO G 11 -32.01 2.92 -2.08
CA PRO G 11 -33.19 3.61 -1.57
C PRO G 11 -33.92 2.76 -0.53
N PHE G 12 -34.88 3.39 0.15
CA PHE G 12 -35.77 2.71 1.07
C PHE G 12 -36.60 1.70 0.30
N ALA G 13 -36.65 0.47 0.81
CA ALA G 13 -37.55 -0.57 0.32
C ALA G 13 -38.54 -0.91 1.42
N LYS G 14 -39.31 -2.01 1.26
CA LYS G 14 -40.41 -2.36 2.18
C LYS G 14 -39.98 -3.07 3.49
N GLY H 1 -21.44 -21.95 -1.74
CA GLY H 1 -22.41 -21.13 -0.94
C GLY H 1 -23.82 -21.13 -1.51
N ALA H 2 -24.80 -20.95 -0.63
CA ALA H 2 -26.22 -21.01 -1.00
C ALA H 2 -26.79 -19.72 -1.58
N ALA H 3 -26.14 -18.60 -1.29
CA ALA H 3 -26.57 -17.28 -1.80
C ALA H 3 -25.84 -16.89 -3.08
N TYR H 4 -26.56 -16.29 -4.01
CA TYR H 4 -25.98 -16.01 -5.31
C TYR H 4 -26.47 -14.72 -5.93
N ASP H 5 -25.59 -14.11 -6.72
CA ASP H 5 -25.89 -12.86 -7.37
C ASP H 5 -26.61 -13.10 -8.68
N ILE H 6 -27.69 -12.36 -8.86
CA ILE H 6 -28.50 -12.44 -10.06
C ILE H 6 -28.23 -11.17 -10.86
N SEP H 7 -28.19 -11.28 -12.18
CA SEP H 7 -27.94 -10.11 -13.02
CB SEP H 7 -27.50 -10.48 -14.45
OG SEP H 7 -27.79 -11.82 -14.78
C SEP H 7 -29.18 -9.23 -13.06
O SEP H 7 -30.29 -9.72 -12.89
P SEP H 7 -26.96 -12.19 -16.10
O1P SEP H 7 -27.65 -11.47 -17.37
O2P SEP H 7 -27.03 -13.78 -16.26
O3P SEP H 7 -25.41 -11.76 -15.97
N GLN H 8 -28.96 -7.95 -13.31
CA GLN H 8 -29.96 -6.93 -13.07
C GLN H 8 -31.14 -6.96 -14.01
N VAL H 9 -32.31 -6.87 -13.40
CA VAL H 9 -33.55 -6.65 -14.15
C VAL H 9 -33.67 -5.15 -14.37
N PHE H 10 -34.16 -4.76 -15.53
CA PHE H 10 -34.57 -3.40 -15.77
C PHE H 10 -36.10 -3.41 -15.79
N PRO H 11 -36.71 -3.04 -14.67
CA PRO H 11 -38.18 -3.11 -14.52
C PRO H 11 -38.88 -1.96 -15.21
N PHE H 12 -40.18 -1.81 -14.94
CA PHE H 12 -40.93 -0.67 -15.45
C PHE H 12 -40.47 0.65 -14.83
N ALA H 13 -40.34 1.67 -15.69
CA ALA H 13 -39.94 3.00 -15.27
C ALA H 13 -40.71 4.05 -16.08
N LYS H 14 -40.70 5.31 -15.62
CA LYS H 14 -41.40 6.41 -16.28
C LYS H 14 -40.81 6.78 -17.65
N GLY I 1 34.40 -29.03 41.36
CA GLY I 1 33.39 -30.10 41.57
C GLY I 1 33.54 -31.22 40.56
N ALA I 2 33.91 -32.39 41.05
CA ALA I 2 34.06 -33.58 40.21
C ALA I 2 32.71 -34.23 39.90
N ALA I 3 31.79 -34.12 40.85
CA ALA I 3 30.45 -34.69 40.71
C ALA I 3 29.40 -33.62 40.41
N TYR I 4 28.35 -33.99 39.70
CA TYR I 4 27.29 -33.05 39.33
C TYR I 4 25.93 -33.71 39.10
N ASP I 5 24.88 -33.11 39.64
CA ASP I 5 23.53 -33.57 39.41
C ASP I 5 23.02 -33.09 38.06
N ILE I 6 22.62 -34.01 37.18
CA ILE I 6 22.03 -33.61 35.90
C ILE I 6 20.58 -33.20 36.09
N SEP I 7 20.10 -32.37 35.16
CA SEP I 7 18.67 -32.14 35.03
CB SEP I 7 18.38 -30.91 34.18
OG SEP I 7 19.57 -30.43 33.57
C SEP I 7 17.99 -33.37 34.42
O SEP I 7 18.62 -34.16 33.71
P SEP I 7 19.23 -29.11 32.72
O1P SEP I 7 17.81 -29.19 31.99
O2P SEP I 7 20.39 -29.02 31.62
O3P SEP I 7 19.28 -27.82 33.68
N GLN I 8 16.70 -33.51 34.69
CA GLN I 8 15.94 -34.69 34.33
C GLN I 8 15.61 -34.75 32.85
N VAL I 9 15.75 -35.97 32.30
CA VAL I 9 15.23 -36.31 31.00
C VAL I 9 13.84 -36.93 31.20
N PHE I 10 12.96 -36.75 30.22
CA PHE I 10 11.65 -37.39 30.27
C PHE I 10 11.41 -38.27 29.04
N PRO I 11 11.84 -39.53 29.10
CA PRO I 11 11.67 -40.47 27.98
C PRO I 11 10.31 -41.16 28.01
N ALA J 2 33.19 19.80 12.88
CA ALA J 2 31.99 20.45 13.48
C ALA J 2 30.85 20.52 12.47
N ALA J 3 31.20 20.48 11.19
CA ALA J 3 30.21 20.47 10.11
C ALA J 3 30.17 19.14 9.37
N TYR J 4 29.03 18.84 8.77
CA TYR J 4 28.82 17.54 8.15
C TYR J 4 27.74 17.56 7.05
N ASP J 5 28.02 16.86 5.97
CA ASP J 5 27.06 16.68 4.90
C ASP J 5 26.03 15.67 5.35
N ILE J 6 24.76 15.91 5.02
CA ILE J 6 23.73 14.93 5.35
C ILE J 6 23.41 14.08 4.14
N SEP J 7 22.79 12.92 4.42
CA SEP J 7 22.12 12.12 3.41
CB SEP J 7 21.80 10.74 3.96
OG SEP J 7 22.04 10.66 5.35
C SEP J 7 20.84 12.86 3.06
O SEP J 7 20.18 13.41 3.95
P SEP J 7 22.48 9.14 5.71
O1P SEP J 7 21.40 8.07 5.18
O2P SEP J 7 22.59 8.99 7.30
O3P SEP J 7 23.93 8.86 5.07
N GLN J 8 20.50 12.87 1.75
CA GLN J 8 19.33 13.57 1.28
C GLN J 8 18.02 12.95 1.78
N VAL J 9 17.09 13.82 2.10
CA VAL J 9 15.71 13.47 2.42
C VAL J 9 14.99 13.61 1.07
N PHE J 10 13.77 13.13 0.90
CA PHE J 10 13.15 13.25 -0.45
C PHE J 10 11.62 13.40 -0.43
N PRO J 11 10.73 14.43 -0.23
CA PRO J 11 10.97 15.93 0.05
C PRO J 11 11.83 16.47 1.24
N PHE J 12 12.11 17.84 1.20
CA PHE J 12 13.00 18.58 2.18
C PHE J 12 12.32 19.49 3.23
N ALA J 13 10.99 19.60 3.27
CA ALA J 13 10.35 20.39 4.32
C ALA J 13 10.05 19.53 5.51
#